data_4OBZ
#
_entry.id   4OBZ
#
_cell.length_a   230.340
_cell.length_b   42.454
_cell.length_c   73.216
_cell.angle_alpha   90.00
_cell.angle_beta   90.00
_cell.angle_gamma   90.00
#
_symmetry.space_group_name_H-M   'P 21 21 21'
#
loop_
_entity.id
_entity.type
_entity.pdbx_description
1 polymer 'Cathepsin D light chain'
2 polymer 'Cathepsin D heavy chain'
3 branched 2-acetamido-2-deoxy-beta-D-glucopyranose-(1-4)-2-acetamido-2-deoxy-beta-D-glucopyranose
4 non-polymer 2-acetamido-2-deoxy-beta-D-glucopyranose
5 non-polymer 2-(3,4-dimethoxyphenyl)-N-[N-(4-methylbenzyl)carbamimidoyl]acetamide
6 water water
#
loop_
_entity_poly.entity_id
_entity_poly.type
_entity_poly.pdbx_seq_one_letter_code
_entity_poly.pdbx_strand_id
1 'polypeptide(L)'
;PAVTEGPIPEVLKNYMDAQYYGEIGIGTPPQCFTVVFDTGSSNLWVPSIHCKLLDIACWIHHKYNSDKSSTYVKNGTSFD
IHYGSGSLSGYLSQDTVSVPCQS
;
A,C
2 'polypeptide(L)'
;GGVKVERQVFGEATKQPGITFIAAKFDGILGMAYPRISVNNVLPVFDNLMQQKLVDQNIFSFYLSRDPDAQPGGELMLGG
TDSKYYKGSLSYLNVTRKAYWQVHLDQVEVASGLTLCKEGCEAIVDTGTSLMVGPVDEVRELQKAIGAVPLIQGEYMIPC
EKVSTLPAITLKLGGKGYKLSPEDYTLKVSQAGKTLCLSGFMGMDIPPPSGPLWILGDVFIGRYYTVFDRDNNRVGFAEA
ARL
;
B,D
#
# COMPACT_ATOMS: atom_id res chain seq x y z
N PRO A 7 -17.03 -12.89 -34.72
CA PRO A 7 -16.67 -12.30 -33.43
C PRO A 7 -17.81 -12.32 -32.40
N ILE A 8 -17.47 -12.35 -31.12
CA ILE A 8 -18.50 -12.36 -30.08
C ILE A 8 -18.62 -10.99 -29.43
N PRO A 9 -19.84 -10.45 -29.41
CA PRO A 9 -20.09 -9.16 -28.76
C PRO A 9 -20.55 -9.35 -27.32
N GLU A 10 -19.87 -8.67 -26.41
CA GLU A 10 -20.14 -8.71 -24.98
C GLU A 10 -20.66 -7.33 -24.58
N VAL A 11 -21.97 -7.23 -24.40
CA VAL A 11 -22.67 -6.01 -24.01
C VAL A 11 -22.13 -5.60 -22.66
N LEU A 12 -21.77 -4.31 -22.49
CA LEU A 12 -21.29 -3.82 -21.19
C LEU A 12 -22.28 -2.86 -20.58
N LYS A 13 -22.39 -2.88 -19.26
CA LYS A 13 -23.26 -1.99 -18.51
C LYS A 13 -22.40 -0.87 -17.92
N ASN A 14 -22.88 0.35 -18.02
CA ASN A 14 -22.17 1.53 -17.53
C ASN A 14 -22.82 2.04 -16.28
N TYR A 15 -22.02 2.15 -15.22
CA TYR A 15 -22.47 2.73 -13.98
C TYR A 15 -21.70 4.00 -13.70
N MET A 16 -22.40 5.15 -13.81
CA MET A 16 -21.91 6.50 -13.47
C MET A 16 -20.60 6.90 -14.14
N ASP A 17 -20.30 6.37 -15.36
CA ASP A 17 -19.07 6.62 -16.15
C ASP A 17 -17.78 6.17 -15.42
N ALA A 18 -17.95 5.39 -14.34
CA ALA A 18 -16.92 4.90 -13.44
C ALA A 18 -16.78 3.38 -13.48
N GLN A 19 -17.91 2.66 -13.65
CA GLN A 19 -17.86 1.21 -13.69
C GLN A 19 -18.41 0.62 -14.98
N TYR A 20 -17.58 -0.17 -15.69
CA TYR A 20 -18.00 -0.84 -16.91
C TYR A 20 -17.84 -2.32 -16.71
N TYR A 21 -18.95 -3.02 -16.61
CA TYR A 21 -18.97 -4.44 -16.32
C TYR A 21 -19.90 -5.16 -17.25
N GLY A 22 -19.56 -6.41 -17.55
CA GLY A 22 -20.34 -7.30 -18.40
C GLY A 22 -20.57 -8.63 -17.71
N GLU A 23 -21.56 -9.40 -18.19
CA GLU A 23 -21.94 -10.71 -17.64
C GLU A 23 -21.16 -11.87 -18.24
N ILE A 24 -20.74 -12.78 -17.38
CA ILE A 24 -20.00 -13.98 -17.77
C ILE A 24 -20.62 -15.23 -17.08
N GLY A 25 -20.11 -16.41 -17.43
CA GLY A 25 -20.58 -17.66 -16.85
C GLY A 25 -19.44 -18.51 -16.37
N ILE A 26 -19.59 -19.13 -15.18
CA ILE A 26 -18.58 -20.04 -14.67
C ILE A 26 -19.26 -21.38 -14.34
N GLY A 27 -18.78 -22.45 -14.97
CA GLY A 27 -19.27 -23.81 -14.75
C GLY A 27 -20.16 -24.40 -15.81
N THR A 28 -20.64 -25.62 -15.51
CA THR A 28 -21.55 -26.41 -16.33
C THR A 28 -22.68 -27.00 -15.43
N PRO A 29 -23.93 -26.44 -15.49
CA PRO A 29 -24.39 -25.31 -16.32
C PRO A 29 -23.81 -23.98 -15.83
N PRO A 30 -23.62 -22.98 -16.73
CA PRO A 30 -23.05 -21.69 -16.29
C PRO A 30 -23.76 -20.98 -15.16
N GLN A 31 -22.95 -20.45 -14.25
CA GLN A 31 -23.39 -19.65 -13.11
C GLN A 31 -23.03 -18.23 -13.50
N CYS A 32 -24.01 -17.31 -13.48
CA CYS A 32 -23.78 -15.93 -13.91
C CYS A 32 -23.13 -15.04 -12.86
N PHE A 33 -22.22 -14.19 -13.32
CA PHE A 33 -21.47 -13.20 -12.56
C PHE A 33 -21.18 -12.01 -13.47
N THR A 34 -21.12 -10.79 -12.90
CA THR A 34 -20.76 -9.59 -13.66
C THR A 34 -19.30 -9.30 -13.32
N VAL A 35 -18.50 -9.04 -14.35
CA VAL A 35 -17.08 -8.79 -14.16
C VAL A 35 -16.65 -7.51 -14.84
N VAL A 36 -15.52 -6.95 -14.40
CA VAL A 36 -14.90 -5.79 -15.04
C VAL A 36 -13.84 -6.44 -15.95
N PHE A 37 -13.92 -6.16 -17.27
CA PHE A 37 -12.90 -6.67 -18.18
C PHE A 37 -11.75 -5.68 -18.08
N ASP A 38 -10.86 -5.91 -17.12
CA ASP A 38 -9.75 -5.04 -16.78
C ASP A 38 -8.48 -5.36 -17.56
N THR A 39 -8.10 -4.46 -18.50
CA THR A 39 -6.86 -4.61 -19.27
C THR A 39 -5.61 -4.17 -18.46
N GLY A 40 -5.83 -3.72 -17.21
CA GLY A 40 -4.76 -3.32 -16.29
C GLY A 40 -4.35 -4.40 -15.30
N SER A 41 -5.09 -5.54 -15.30
CA SER A 41 -4.84 -6.73 -14.49
C SER A 41 -4.83 -7.97 -15.38
N SER A 42 -4.39 -9.15 -14.86
CA SER A 42 -4.31 -10.39 -15.67
C SER A 42 -4.95 -11.61 -15.00
N ASN A 43 -5.70 -11.38 -13.90
CA ASN A 43 -6.33 -12.48 -13.17
C ASN A 43 -7.85 -12.42 -13.18
N LEU A 44 -8.49 -13.63 -13.20
CA LEU A 44 -9.93 -13.85 -13.10
C LEU A 44 -10.27 -14.32 -11.69
N TRP A 45 -11.24 -13.65 -11.06
CA TRP A 45 -11.73 -14.02 -9.74
C TRP A 45 -13.15 -13.57 -9.59
N VAL A 46 -13.95 -14.36 -8.88
CA VAL A 46 -15.36 -14.10 -8.52
C VAL A 46 -15.56 -14.47 -7.06
N PRO A 47 -16.61 -13.96 -6.35
CA PRO A 47 -16.81 -14.37 -4.94
C PRO A 47 -17.17 -15.85 -4.81
N SER A 48 -16.58 -16.54 -3.84
CA SER A 48 -16.86 -17.97 -3.59
C SER A 48 -18.00 -18.09 -2.59
N ILE A 49 -18.74 -19.22 -2.62
CA ILE A 49 -19.82 -19.50 -1.66
C ILE A 49 -19.21 -19.80 -0.27
N HIS A 50 -17.92 -20.20 -0.27
CA HIS A 50 -17.10 -20.54 0.89
C HIS A 50 -16.38 -19.31 1.47
N CYS A 51 -16.86 -18.12 1.10
CA CYS A 51 -16.35 -16.87 1.60
C CYS A 51 -16.75 -16.73 3.06
N LYS A 52 -15.94 -15.96 3.78
CA LYS A 52 -16.04 -15.68 5.19
C LYS A 52 -17.26 -14.84 5.51
N LEU A 53 -17.94 -15.14 6.63
CA LEU A 53 -19.10 -14.37 7.09
C LEU A 53 -18.72 -12.89 7.29
N LEU A 54 -17.46 -12.60 7.69
CA LEU A 54 -16.94 -11.24 7.89
C LEU A 54 -16.86 -10.43 6.59
N ASP A 55 -16.75 -11.11 5.44
CA ASP A 55 -16.71 -10.48 4.13
C ASP A 55 -18.14 -10.09 3.77
N ILE A 56 -18.49 -8.82 4.06
CA ILE A 56 -19.81 -8.22 3.81
C ILE A 56 -20.06 -8.12 2.30
N ALA A 57 -19.05 -7.75 1.50
CA ALA A 57 -19.24 -7.60 0.05
C ALA A 57 -19.92 -8.85 -0.55
N CYS A 58 -19.53 -10.03 -0.04
CA CYS A 58 -20.02 -11.35 -0.40
C CYS A 58 -21.53 -11.45 -0.25
N TRP A 59 -22.12 -10.82 0.78
CA TRP A 59 -23.54 -10.85 1.10
C TRP A 59 -24.45 -10.37 -0.02
N ILE A 60 -24.02 -9.33 -0.74
CA ILE A 60 -24.76 -8.65 -1.82
C ILE A 60 -24.21 -8.91 -3.22
N HIS A 61 -23.35 -9.95 -3.38
CA HIS A 61 -22.75 -10.32 -4.67
C HIS A 61 -22.87 -11.82 -4.98
N HIS A 62 -22.97 -12.15 -6.28
CA HIS A 62 -23.11 -13.53 -6.73
C HIS A 62 -21.96 -14.40 -6.29
N LYS A 63 -22.27 -15.63 -5.87
CA LYS A 63 -21.23 -16.52 -5.37
C LYS A 63 -21.11 -17.81 -6.16
N TYR A 64 -19.86 -18.19 -6.47
CA TYR A 64 -19.57 -19.41 -7.19
C TYR A 64 -19.69 -20.62 -6.27
N ASN A 65 -20.38 -21.66 -6.74
CA ASN A 65 -20.58 -22.89 -5.98
C ASN A 65 -20.07 -24.04 -6.83
N SER A 66 -18.87 -24.55 -6.46
CA SER A 66 -18.18 -25.64 -7.17
C SER A 66 -18.95 -26.93 -7.21
N ASP A 67 -19.79 -27.17 -6.18
CA ASP A 67 -20.62 -28.37 -6.09
C ASP A 67 -21.72 -28.44 -7.15
N LYS A 68 -22.15 -27.28 -7.69
CA LYS A 68 -23.17 -27.20 -8.72
C LYS A 68 -22.61 -27.34 -10.15
N SER A 69 -21.27 -27.34 -10.31
CA SER A 69 -20.59 -27.47 -11.62
C SER A 69 -20.02 -28.87 -11.85
N SER A 70 -20.14 -29.39 -13.08
CA SER A 70 -19.63 -30.70 -13.45
C SER A 70 -18.25 -30.59 -14.07
N THR A 71 -17.92 -29.42 -14.60
CA THR A 71 -16.62 -29.17 -15.23
C THR A 71 -15.62 -28.55 -14.23
N TYR A 72 -15.99 -28.42 -12.93
CA TYR A 72 -15.12 -27.88 -11.89
C TYR A 72 -13.96 -28.81 -11.62
N VAL A 73 -12.74 -28.25 -11.59
CA VAL A 73 -11.53 -28.97 -11.24
C VAL A 73 -10.89 -28.24 -10.06
N LYS A 74 -10.66 -28.98 -8.99
CA LYS A 74 -10.09 -28.46 -7.77
C LYS A 74 -8.59 -28.21 -7.89
N ASN A 75 -8.17 -27.05 -7.40
CA ASN A 75 -6.79 -26.65 -7.31
C ASN A 75 -6.47 -26.54 -5.80
N GLY A 76 -7.09 -25.57 -5.12
CA GLY A 76 -6.90 -25.34 -3.70
C GLY A 76 -5.83 -24.32 -3.33
N THR A 77 -4.82 -24.09 -4.22
CA THR A 77 -3.71 -23.14 -4.02
C THR A 77 -4.24 -21.76 -3.58
N SER A 78 -3.66 -21.20 -2.52
CA SER A 78 -4.09 -19.92 -1.98
C SER A 78 -3.58 -18.77 -2.84
N PHE A 79 -4.41 -17.74 -3.04
CA PHE A 79 -4.02 -16.55 -3.81
C PHE A 79 -4.22 -15.29 -2.97
N ASP A 80 -3.46 -14.23 -3.30
CA ASP A 80 -3.48 -12.95 -2.62
C ASP A 80 -3.23 -11.86 -3.64
N ILE A 81 -4.25 -11.05 -3.90
CA ILE A 81 -4.21 -9.93 -4.86
C ILE A 81 -4.24 -8.60 -4.10
N HIS A 82 -3.38 -7.65 -4.50
CA HIS A 82 -3.31 -6.32 -3.92
C HIS A 82 -3.41 -5.28 -5.03
N TYR A 83 -4.61 -4.73 -5.19
CA TYR A 83 -4.93 -3.66 -6.13
C TYR A 83 -4.71 -2.35 -5.33
N GLY A 84 -4.45 -1.24 -6.02
CA GLY A 84 -4.23 0.04 -5.34
C GLY A 84 -5.30 0.34 -4.31
N SER A 85 -6.56 0.33 -4.78
CA SER A 85 -7.80 0.57 -4.03
C SER A 85 -8.03 -0.49 -2.91
N GLY A 86 -7.94 -1.77 -3.25
CA GLY A 86 -8.19 -2.83 -2.28
C GLY A 86 -7.45 -4.14 -2.45
N SER A 87 -7.74 -5.04 -1.53
CA SER A 87 -7.15 -6.36 -1.46
C SER A 87 -8.18 -7.45 -1.30
N LEU A 88 -7.80 -8.61 -1.78
CA LEU A 88 -8.57 -9.81 -1.69
C LEU A 88 -7.63 -11.03 -1.67
N SER A 89 -8.11 -12.08 -1.07
CA SER A 89 -7.40 -13.33 -1.02
C SER A 89 -8.47 -14.39 -1.18
N GLY A 90 -8.05 -15.59 -1.47
CA GLY A 90 -8.95 -16.73 -1.62
C GLY A 90 -8.14 -17.93 -2.02
N TYR A 91 -8.74 -18.80 -2.83
CA TYR A 91 -8.10 -20.03 -3.32
C TYR A 91 -8.41 -20.26 -4.78
N LEU A 92 -7.48 -20.93 -5.50
CA LEU A 92 -7.61 -21.23 -6.92
C LEU A 92 -8.52 -22.40 -7.22
N SER A 93 -9.17 -22.31 -8.38
CA SER A 93 -10.05 -23.31 -8.95
C SER A 93 -9.98 -23.22 -10.44
N GLN A 94 -10.43 -24.29 -11.12
CA GLN A 94 -10.45 -24.36 -12.58
C GLN A 94 -11.86 -24.74 -13.01
N ASP A 95 -12.37 -24.08 -14.06
CA ASP A 95 -13.70 -24.38 -14.62
C ASP A 95 -13.86 -23.76 -16.01
N THR A 96 -15.04 -23.98 -16.65
CA THR A 96 -15.36 -23.46 -17.97
C THR A 96 -15.89 -22.03 -17.82
N VAL A 97 -15.33 -21.09 -18.63
CA VAL A 97 -15.75 -19.70 -18.62
C VAL A 97 -16.50 -19.37 -19.87
N SER A 98 -17.80 -19.04 -19.75
CA SER A 98 -18.66 -18.67 -20.88
C SER A 98 -18.79 -17.16 -21.01
N VAL A 99 -18.75 -16.65 -22.26
CA VAL A 99 -18.87 -15.22 -22.58
C VAL A 99 -19.77 -15.04 -23.82
N PRO A 100 -21.02 -14.54 -23.70
CA PRO A 100 -21.75 -14.12 -22.50
C PRO A 100 -22.16 -15.32 -21.64
N CYS A 101 -22.98 -15.11 -20.57
CA CYS A 101 -23.33 -16.18 -19.62
C CYS A 101 -23.83 -17.48 -20.27
N GLN A 102 -24.77 -17.41 -21.23
CA GLN A 102 -25.32 -18.56 -21.97
C GLN A 102 -26.05 -19.61 -21.08
N SER A 103 -26.61 -19.18 -19.92
CA SER A 103 -27.36 -20.07 -19.01
C SER A 103 -28.82 -20.24 -19.43
N GLY B 2 -22.01 -17.30 -28.40
CA GLY B 2 -21.00 -17.05 -27.39
C GLY B 2 -19.81 -17.98 -27.50
N VAL B 3 -18.90 -17.89 -26.56
CA VAL B 3 -17.70 -18.70 -26.56
C VAL B 3 -17.49 -19.37 -25.20
N LYS B 4 -16.86 -20.54 -25.20
CA LYS B 4 -16.59 -21.27 -23.96
C LYS B 4 -15.11 -21.56 -23.79
N VAL B 5 -14.52 -20.94 -22.76
CA VAL B 5 -13.10 -21.13 -22.45
C VAL B 5 -12.99 -22.27 -21.46
N GLU B 6 -12.61 -23.45 -21.99
CA GLU B 6 -12.39 -24.68 -21.25
C GLU B 6 -11.12 -24.59 -20.37
N ARG B 7 -11.11 -25.38 -19.25
CA ARG B 7 -9.98 -25.56 -18.32
C ARG B 7 -9.27 -24.24 -17.90
N GLN B 8 -10.08 -23.23 -17.53
CA GLN B 8 -9.60 -21.94 -17.06
C GLN B 8 -9.41 -21.86 -15.53
N VAL B 9 -8.18 -21.57 -15.10
CA VAL B 9 -7.85 -21.35 -13.67
C VAL B 9 -8.26 -19.93 -13.29
N PHE B 10 -8.97 -19.80 -12.19
CA PHE B 10 -9.46 -18.53 -11.67
C PHE B 10 -9.41 -18.56 -10.15
N GLY B 11 -9.66 -17.43 -9.54
CA GLY B 11 -9.68 -17.36 -8.09
C GLY B 11 -11.09 -17.26 -7.56
N GLU B 12 -11.34 -17.99 -6.48
CA GLU B 12 -12.57 -17.97 -5.72
C GLU B 12 -12.25 -17.11 -4.49
N ALA B 13 -12.67 -15.81 -4.50
CA ALA B 13 -12.40 -14.90 -3.37
C ALA B 13 -13.17 -15.26 -2.11
N THR B 14 -12.47 -15.44 -0.96
CA THR B 14 -13.08 -15.76 0.35
C THR B 14 -13.00 -14.59 1.37
N LYS B 15 -12.05 -13.67 1.15
CA LYS B 15 -11.81 -12.48 1.97
C LYS B 15 -11.70 -11.27 1.06
N GLN B 16 -12.57 -10.27 1.26
CA GLN B 16 -12.55 -8.99 0.54
C GLN B 16 -12.62 -7.88 1.59
N PRO B 17 -11.48 -7.62 2.28
CA PRO B 17 -11.48 -6.58 3.32
C PRO B 17 -11.71 -5.18 2.77
N GLY B 18 -12.33 -4.35 3.60
CA GLY B 18 -12.62 -2.96 3.28
C GLY B 18 -14.06 -2.71 2.91
N ILE B 19 -14.28 -1.70 2.05
CA ILE B 19 -15.60 -1.28 1.60
C ILE B 19 -15.62 -1.28 0.10
N THR B 20 -14.43 -1.32 -0.51
CA THR B 20 -14.18 -1.27 -1.95
C THR B 20 -15.14 -2.14 -2.73
N PHE B 21 -15.29 -3.39 -2.29
CA PHE B 21 -16.09 -4.35 -3.02
C PHE B 21 -17.55 -4.38 -2.60
N ILE B 22 -17.88 -3.79 -1.44
CA ILE B 22 -19.26 -3.69 -0.97
C ILE B 22 -19.96 -2.75 -1.98
N ALA B 23 -19.39 -1.53 -2.12
CA ALA B 23 -19.76 -0.44 -3.00
C ALA B 23 -19.91 -0.86 -4.49
N ALA B 24 -18.92 -1.63 -5.02
CA ALA B 24 -18.83 -2.10 -6.39
C ALA B 24 -20.08 -2.82 -6.89
N LYS B 25 -20.53 -2.51 -8.12
CA LYS B 25 -21.71 -3.10 -8.75
C LYS B 25 -21.40 -4.43 -9.45
N PHE B 26 -20.12 -4.70 -9.73
CA PHE B 26 -19.69 -5.93 -10.38
C PHE B 26 -19.35 -6.98 -9.31
N ASP B 27 -19.36 -8.26 -9.66
CA ASP B 27 -19.04 -9.35 -8.72
C ASP B 27 -17.53 -9.62 -8.67
N GLY B 28 -16.84 -9.48 -9.80
CA GLY B 28 -15.41 -9.75 -9.88
C GLY B 28 -14.68 -9.02 -10.99
N ILE B 29 -13.48 -9.50 -11.30
CA ILE B 29 -12.60 -8.93 -12.31
C ILE B 29 -12.08 -10.04 -13.21
N LEU B 30 -12.08 -9.78 -14.55
CA LEU B 30 -11.57 -10.64 -15.59
C LEU B 30 -10.44 -9.83 -16.21
N GLY B 31 -9.21 -10.12 -15.78
CA GLY B 31 -8.03 -9.42 -16.27
C GLY B 31 -7.69 -9.76 -17.69
N MET B 32 -7.22 -8.76 -18.47
CA MET B 32 -6.92 -8.94 -19.90
C MET B 32 -5.55 -8.41 -20.35
N ALA B 33 -4.63 -8.21 -19.39
CA ALA B 33 -3.26 -7.81 -19.71
C ALA B 33 -2.43 -9.07 -19.98
N TYR B 34 -1.10 -8.94 -20.08
CA TYR B 34 -0.24 -10.06 -20.44
C TYR B 34 -0.03 -11.07 -19.32
N PRO B 35 0.38 -12.32 -19.63
CA PRO B 35 0.57 -13.32 -18.55
C PRO B 35 1.67 -13.01 -17.54
N ARG B 36 2.57 -12.04 -17.85
CA ARG B 36 3.67 -11.60 -16.98
C ARG B 36 3.14 -11.08 -15.63
N ILE B 37 2.09 -10.23 -15.67
CA ILE B 37 1.52 -9.61 -14.47
C ILE B 37 0.36 -10.47 -13.84
N SER B 38 0.36 -11.79 -14.11
CA SER B 38 -0.64 -12.69 -13.57
C SER B 38 -0.16 -13.29 -12.24
N VAL B 39 -1.01 -13.21 -11.20
CA VAL B 39 -0.70 -13.70 -9.85
C VAL B 39 -0.69 -15.23 -9.86
N ASN B 40 0.45 -15.82 -9.41
CA ASN B 40 0.73 -17.27 -9.38
C ASN B 40 0.83 -17.81 -10.81
N ASN B 41 1.29 -16.94 -11.73
CA ASN B 41 1.52 -17.14 -13.15
C ASN B 41 0.44 -17.93 -13.93
N VAL B 42 -0.81 -17.77 -13.50
CA VAL B 42 -2.02 -18.38 -14.07
C VAL B 42 -2.23 -17.87 -15.51
N LEU B 43 -2.48 -18.76 -16.49
CA LEU B 43 -2.75 -18.35 -17.87
C LEU B 43 -4.11 -17.61 -17.95
N PRO B 44 -4.10 -16.30 -18.35
CA PRO B 44 -5.34 -15.51 -18.38
C PRO B 44 -6.35 -15.99 -19.41
N VAL B 45 -7.64 -15.60 -19.24
CA VAL B 45 -8.80 -15.96 -20.07
C VAL B 45 -8.51 -15.83 -21.58
N PHE B 46 -8.10 -14.62 -22.05
CA PHE B 46 -7.82 -14.40 -23.48
C PHE B 46 -6.68 -15.27 -23.98
N ASP B 47 -5.61 -15.42 -23.20
CA ASP B 47 -4.46 -16.26 -23.56
C ASP B 47 -4.88 -17.71 -23.75
N ASN B 48 -5.88 -18.15 -22.98
CA ASN B 48 -6.45 -19.49 -23.05
C ASN B 48 -7.35 -19.57 -24.30
N LEU B 49 -8.18 -18.53 -24.52
CA LEU B 49 -9.09 -18.38 -25.64
C LEU B 49 -8.29 -18.39 -26.96
N MET B 50 -7.05 -17.83 -26.90
CA MET B 50 -6.08 -17.77 -27.99
C MET B 50 -5.60 -19.18 -28.25
N GLN B 51 -5.00 -19.84 -27.24
CA GLN B 51 -4.47 -21.20 -27.27
C GLN B 51 -5.47 -22.20 -27.80
N GLN B 52 -6.76 -22.04 -27.43
CA GLN B 52 -7.84 -22.91 -27.85
C GLN B 52 -8.40 -22.59 -29.25
N LYS B 53 -7.80 -21.58 -29.93
CA LYS B 53 -8.15 -21.08 -31.28
C LYS B 53 -9.66 -20.84 -31.45
N LEU B 54 -10.27 -20.24 -30.43
CA LEU B 54 -11.71 -19.98 -30.35
C LEU B 54 -12.17 -18.76 -31.13
N VAL B 55 -11.20 -17.95 -31.61
CA VAL B 55 -11.43 -16.75 -32.44
C VAL B 55 -10.53 -16.82 -33.67
N ASP B 56 -10.89 -16.10 -34.74
CA ASP B 56 -10.05 -16.10 -35.95
C ASP B 56 -8.87 -15.15 -35.69
N GLN B 57 -9.19 -13.92 -35.25
CA GLN B 57 -8.21 -12.89 -34.96
C GLN B 57 -8.04 -12.77 -33.43
N ASN B 58 -6.78 -12.79 -32.94
CA ASN B 58 -6.49 -12.68 -31.52
C ASN B 58 -6.39 -11.23 -31.12
N ILE B 59 -7.51 -10.53 -31.21
CA ILE B 59 -7.64 -9.12 -30.86
C ILE B 59 -8.96 -8.93 -30.11
N PHE B 60 -9.06 -7.84 -29.35
CA PHE B 60 -10.29 -7.48 -28.63
C PHE B 60 -10.47 -5.96 -28.59
N SER B 61 -11.70 -5.50 -28.80
CA SER B 61 -12.07 -4.09 -28.87
C SER B 61 -12.91 -3.62 -27.70
N PHE B 62 -12.84 -2.32 -27.38
CA PHE B 62 -13.68 -1.68 -26.39
C PHE B 62 -14.29 -0.39 -26.90
N TYR B 63 -15.61 -0.30 -26.80
CA TYR B 63 -16.42 0.89 -26.98
C TYR B 63 -16.97 1.13 -25.57
N LEU B 64 -16.81 2.32 -25.01
CA LEU B 64 -17.37 2.66 -23.70
C LEU B 64 -18.20 3.91 -23.87
N SER B 65 -19.51 3.83 -23.58
CA SER B 65 -20.40 4.98 -23.69
C SER B 65 -20.09 5.96 -22.57
N ARG B 66 -20.19 7.29 -22.85
CA ARG B 66 -19.91 8.32 -21.84
C ARG B 66 -21.15 9.21 -21.55
N ASP B 67 -22.36 8.69 -21.88
CA ASP B 67 -23.67 9.36 -21.71
C ASP B 67 -24.02 9.75 -20.24
N PRO B 68 -23.92 8.89 -19.18
CA PRO B 68 -23.53 7.48 -19.13
C PRO B 68 -24.66 6.54 -19.53
N ASP B 69 -25.92 6.95 -19.28
CA ASP B 69 -27.09 6.16 -19.52
C ASP B 69 -27.50 6.17 -20.99
N ALA B 70 -26.81 5.32 -21.74
CA ALA B 70 -27.02 4.98 -23.14
C ALA B 70 -27.19 3.48 -23.07
N GLN B 71 -27.99 2.91 -23.97
CA GLN B 71 -28.23 1.47 -23.99
C GLN B 71 -27.82 0.85 -25.35
N PRO B 72 -26.74 0.01 -25.36
CA PRO B 72 -25.90 -0.38 -24.21
C PRO B 72 -24.91 0.70 -23.77
N GLY B 73 -24.37 0.53 -22.57
CA GLY B 73 -23.40 1.47 -21.99
C GLY B 73 -21.97 1.19 -22.41
N GLY B 74 -21.80 0.22 -23.28
CA GLY B 74 -20.51 -0.20 -23.78
C GLY B 74 -20.51 -1.56 -24.44
N GLU B 75 -19.36 -1.93 -25.07
CA GLU B 75 -19.22 -3.22 -25.74
C GLU B 75 -17.78 -3.72 -25.75
N LEU B 76 -17.63 -5.03 -25.53
CA LEU B 76 -16.33 -5.67 -25.63
C LEU B 76 -16.52 -6.61 -26.79
N MET B 77 -15.66 -6.51 -27.81
CA MET B 77 -15.77 -7.36 -28.99
C MET B 77 -14.60 -8.35 -28.97
N LEU B 78 -14.86 -9.64 -28.72
CA LEU B 78 -13.80 -10.64 -28.70
C LEU B 78 -13.60 -11.20 -30.11
N GLY B 79 -12.39 -11.04 -30.63
CA GLY B 79 -12.00 -11.57 -31.93
C GLY B 79 -12.21 -10.65 -33.10
N GLY B 80 -12.39 -9.36 -32.81
CA GLY B 80 -12.62 -8.36 -33.84
C GLY B 80 -12.82 -6.94 -33.34
N THR B 81 -13.41 -6.12 -34.21
CA THR B 81 -13.67 -4.69 -34.05
C THR B 81 -15.07 -4.34 -34.56
N ASP B 82 -15.88 -3.64 -33.75
CA ASP B 82 -17.20 -3.20 -34.17
C ASP B 82 -17.13 -1.83 -34.84
N SER B 83 -17.28 -1.84 -36.17
CA SER B 83 -17.21 -0.65 -36.99
C SER B 83 -18.36 0.33 -36.75
N LYS B 84 -19.48 -0.13 -36.13
CA LYS B 84 -20.60 0.76 -35.87
C LYS B 84 -20.34 1.74 -34.70
N TYR B 85 -19.25 1.51 -33.91
CA TYR B 85 -18.85 2.35 -32.76
C TYR B 85 -17.59 3.23 -32.98
N TYR B 86 -17.04 3.30 -34.20
CA TYR B 86 -15.86 4.15 -34.44
C TYR B 86 -15.90 4.85 -35.80
N LYS B 87 -15.18 5.98 -35.90
CA LYS B 87 -15.02 6.86 -37.05
C LYS B 87 -13.60 6.81 -37.62
N GLY B 88 -13.52 6.79 -38.95
CA GLY B 88 -12.25 6.75 -39.67
C GLY B 88 -11.48 5.46 -39.44
N SER B 89 -10.14 5.55 -39.59
CA SER B 89 -9.25 4.39 -39.45
C SER B 89 -8.51 4.32 -38.10
N LEU B 90 -8.17 3.08 -37.70
CA LEU B 90 -7.39 2.79 -36.50
C LEU B 90 -5.96 3.24 -36.75
N SER B 91 -5.32 3.78 -35.73
CA SER B 91 -3.93 4.22 -35.76
C SER B 91 -3.25 3.42 -34.66
N TYR B 92 -2.32 2.55 -35.04
CA TYR B 92 -1.68 1.64 -34.10
C TYR B 92 -0.40 2.18 -33.47
N LEU B 93 -0.20 1.84 -32.20
CA LEU B 93 0.96 2.12 -31.36
C LEU B 93 1.50 0.76 -30.93
N ASN B 94 2.84 0.56 -31.07
CA ASN B 94 3.48 -0.70 -30.69
C ASN B 94 3.63 -0.75 -29.17
N VAL B 95 3.30 -1.92 -28.56
CA VAL B 95 3.43 -2.15 -27.11
C VAL B 95 4.94 -2.20 -26.78
N THR B 96 5.39 -1.33 -25.84
CA THR B 96 6.79 -1.18 -25.42
C THR B 96 7.26 -2.29 -24.45
N ARG B 97 6.37 -2.76 -23.56
CA ARG B 97 6.63 -3.81 -22.56
C ARG B 97 5.36 -4.66 -22.34
N LYS B 98 5.45 -5.93 -22.70
CA LYS B 98 4.35 -6.88 -22.64
C LYS B 98 4.02 -7.40 -21.23
N ALA B 99 3.41 -6.52 -20.42
CA ALA B 99 2.97 -6.82 -19.05
C ALA B 99 1.58 -6.21 -19.05
N TYR B 100 1.51 -4.87 -18.96
CA TYR B 100 0.29 -4.11 -19.13
C TYR B 100 0.23 -3.82 -20.63
N TRP B 101 -0.79 -3.09 -21.09
CA TRP B 101 -0.88 -2.68 -22.49
C TRP B 101 -0.18 -1.34 -22.56
N GLN B 102 1.16 -1.41 -22.45
CA GLN B 102 2.11 -0.32 -22.36
C GLN B 102 2.58 0.27 -23.70
N VAL B 103 2.32 1.58 -23.87
CA VAL B 103 2.71 2.33 -25.06
C VAL B 103 3.51 3.57 -24.64
N HIS B 104 4.34 4.10 -25.55
CA HIS B 104 5.16 5.29 -25.30
C HIS B 104 4.30 6.51 -25.56
N LEU B 105 4.32 7.46 -24.61
CA LEU B 105 3.56 8.71 -24.68
C LEU B 105 4.56 9.84 -24.98
N ASP B 106 4.41 10.49 -26.14
CA ASP B 106 5.35 11.53 -26.59
C ASP B 106 5.27 12.82 -25.77
N GLN B 107 4.04 13.23 -25.38
CA GLN B 107 3.81 14.46 -24.64
C GLN B 107 2.36 14.59 -24.19
N VAL B 108 2.16 15.40 -23.15
CA VAL B 108 0.87 15.76 -22.59
C VAL B 108 0.85 17.29 -22.77
N GLU B 109 -0.01 17.77 -23.68
CA GLU B 109 -0.09 19.19 -24.08
C GLU B 109 -1.34 19.87 -23.53
N VAL B 110 -1.19 21.06 -22.94
CA VAL B 110 -2.37 21.81 -22.47
C VAL B 110 -2.45 23.04 -23.35
N ALA B 111 -3.52 23.14 -24.15
CA ALA B 111 -3.81 24.23 -25.10
C ALA B 111 -3.40 25.65 -24.63
N SER B 112 -3.69 26.01 -23.35
CA SER B 112 -3.37 27.29 -22.72
C SER B 112 -1.85 27.60 -22.67
N GLY B 113 -1.01 26.56 -22.62
CA GLY B 113 0.44 26.72 -22.60
C GLY B 113 1.31 25.58 -22.12
N LEU B 114 0.92 24.94 -21.00
CA LEU B 114 1.67 23.93 -20.28
C LEU B 114 1.90 22.57 -21.00
N THR B 115 3.20 22.21 -21.11
CA THR B 115 3.68 20.94 -21.61
C THR B 115 4.21 20.16 -20.39
N LEU B 116 3.77 18.90 -20.30
CA LEU B 116 4.13 17.88 -19.33
C LEU B 116 4.62 16.67 -20.14
N CYS B 117 5.45 15.78 -19.54
CA CYS B 117 6.00 14.59 -20.21
C CYS B 117 6.67 15.03 -21.54
N LYS B 118 7.52 16.06 -21.45
CA LYS B 118 8.21 16.73 -22.56
C LYS B 118 9.25 15.87 -23.27
N GLU B 119 9.99 15.04 -22.51
CA GLU B 119 11.01 14.16 -23.11
C GLU B 119 10.42 12.79 -23.49
N GLY B 120 9.16 12.58 -23.16
CA GLY B 120 8.47 11.33 -23.41
C GLY B 120 8.37 10.51 -22.15
N CYS B 121 7.25 9.80 -22.03
CA CYS B 121 6.92 8.92 -20.92
C CYS B 121 6.42 7.60 -21.45
N GLU B 122 6.06 6.72 -20.49
CA GLU B 122 5.48 5.44 -20.75
C GLU B 122 4.11 5.48 -20.15
N ALA B 123 3.10 5.06 -20.91
CA ALA B 123 1.70 5.01 -20.48
C ALA B 123 1.14 3.58 -20.63
N ILE B 124 0.04 3.26 -19.91
CA ILE B 124 -0.68 1.98 -19.98
C ILE B 124 -2.13 2.26 -20.34
N VAL B 125 -2.68 1.46 -21.25
CA VAL B 125 -4.09 1.55 -21.67
C VAL B 125 -4.87 0.61 -20.72
N ASP B 126 -5.56 1.21 -19.75
CA ASP B 126 -6.26 0.48 -18.67
C ASP B 126 -7.79 0.71 -18.60
N THR B 127 -8.56 -0.35 -18.86
CA THR B 127 -10.02 -0.30 -18.85
C THR B 127 -10.59 -0.32 -17.43
N GLY B 128 -9.82 -0.80 -16.46
CA GLY B 128 -10.23 -0.87 -15.05
C GLY B 128 -9.97 0.42 -14.29
N THR B 129 -9.55 1.49 -14.98
CA THR B 129 -9.29 2.81 -14.41
C THR B 129 -10.29 3.73 -15.10
N SER B 130 -11.07 4.49 -14.32
CA SER B 130 -12.08 5.39 -14.88
C SER B 130 -11.49 6.71 -15.32
N LEU B 131 -10.51 7.25 -14.57
CA LEU B 131 -9.87 8.53 -14.89
C LEU B 131 -8.51 8.38 -15.54
N MET B 132 -7.85 9.49 -15.85
CA MET B 132 -6.51 9.56 -16.41
C MET B 132 -5.64 9.68 -15.21
N VAL B 133 -4.50 9.00 -15.22
CA VAL B 133 -3.59 9.06 -14.08
C VAL B 133 -2.22 9.46 -14.60
N GLY B 134 -1.52 10.23 -13.80
CA GLY B 134 -0.17 10.68 -14.11
C GLY B 134 0.61 10.94 -12.84
N PRO B 135 1.90 11.23 -12.93
CA PRO B 135 2.68 11.53 -11.72
C PRO B 135 2.14 12.74 -10.95
N VAL B 136 2.12 12.61 -9.61
CA VAL B 136 1.60 13.57 -8.64
C VAL B 136 2.00 15.01 -8.96
N ASP B 137 3.31 15.27 -9.15
CA ASP B 137 3.81 16.60 -9.45
C ASP B 137 3.36 17.13 -10.82
N GLU B 138 3.43 16.29 -11.87
CA GLU B 138 3.00 16.64 -13.23
C GLU B 138 1.51 16.97 -13.25
N VAL B 139 0.68 16.14 -12.58
CA VAL B 139 -0.76 16.34 -12.53
C VAL B 139 -1.14 17.57 -11.68
N ARG B 140 -0.27 17.92 -10.70
CA ARG B 140 -0.43 19.08 -9.83
C ARG B 140 -0.26 20.33 -10.68
N GLU B 141 0.76 20.34 -11.60
CA GLU B 141 1.01 21.43 -12.54
C GLU B 141 -0.23 21.64 -13.41
N LEU B 142 -0.76 20.53 -13.99
CA LEU B 142 -1.95 20.46 -14.86
C LEU B 142 -3.16 21.14 -14.22
N GLN B 143 -3.45 20.83 -12.95
CA GLN B 143 -4.63 21.42 -12.33
C GLN B 143 -4.46 22.87 -11.91
N LYS B 144 -3.22 23.32 -11.65
CA LYS B 144 -2.95 24.73 -11.37
C LYS B 144 -3.28 25.51 -12.67
N ALA B 145 -2.87 24.93 -13.81
CA ALA B 145 -3.08 25.41 -15.18
C ALA B 145 -4.54 25.47 -15.63
N ILE B 146 -5.42 24.61 -15.06
CA ILE B 146 -6.83 24.57 -15.46
C ILE B 146 -7.77 25.08 -14.34
N GLY B 147 -7.20 25.81 -13.35
CA GLY B 147 -7.93 26.40 -12.21
C GLY B 147 -8.74 25.45 -11.34
N ALA B 148 -8.30 24.19 -11.22
CA ALA B 148 -8.95 23.17 -10.39
C ALA B 148 -8.29 23.16 -9.01
N VAL B 149 -9.03 22.69 -8.00
CA VAL B 149 -8.57 22.67 -6.60
C VAL B 149 -8.60 21.23 -6.06
N PRO B 150 -7.65 20.85 -5.16
CA PRO B 150 -7.65 19.47 -4.66
C PRO B 150 -8.75 19.11 -3.66
N LEU B 151 -9.37 17.96 -3.86
CA LEU B 151 -10.43 17.44 -3.01
C LEU B 151 -9.90 16.56 -1.87
N ILE B 152 -9.41 15.36 -2.24
CA ILE B 152 -8.86 14.35 -1.34
C ILE B 152 -8.36 13.21 -2.24
N GLN B 153 -7.33 12.45 -1.79
CA GLN B 153 -6.78 11.26 -2.48
C GLN B 153 -6.35 11.48 -3.94
N GLY B 154 -5.67 12.61 -4.19
CA GLY B 154 -5.14 12.99 -5.49
C GLY B 154 -6.17 13.36 -6.54
N GLU B 155 -7.40 13.67 -6.09
CA GLU B 155 -8.56 14.04 -6.92
C GLU B 155 -8.82 15.56 -6.87
N TYR B 156 -9.09 16.19 -8.01
CA TYR B 156 -9.27 17.63 -8.09
C TYR B 156 -10.64 17.97 -8.61
N MET B 157 -11.19 19.11 -8.16
CA MET B 157 -12.53 19.60 -8.53
C MET B 157 -12.45 20.94 -9.22
N ILE B 158 -13.29 21.13 -10.24
CA ILE B 158 -13.36 22.36 -11.03
C ILE B 158 -14.73 23.02 -10.82
N PRO B 159 -14.79 24.37 -10.63
CA PRO B 159 -16.09 25.04 -10.57
C PRO B 159 -16.78 24.77 -11.92
N CYS B 160 -18.06 24.37 -11.93
CA CYS B 160 -18.74 24.01 -13.17
C CYS B 160 -18.91 25.19 -14.16
N GLU B 161 -19.07 26.41 -13.63
CA GLU B 161 -19.17 27.66 -14.41
C GLU B 161 -17.91 27.93 -15.27
N LYS B 162 -16.76 27.36 -14.84
CA LYS B 162 -15.46 27.50 -15.51
C LYS B 162 -15.17 26.41 -16.55
N VAL B 163 -15.99 25.34 -16.61
CA VAL B 163 -15.76 24.21 -17.52
C VAL B 163 -15.79 24.66 -19.00
N SER B 164 -16.72 25.55 -19.38
CA SER B 164 -16.83 26.11 -20.73
C SER B 164 -15.48 26.68 -21.20
N THR B 165 -14.91 27.58 -20.38
CA THR B 165 -13.67 28.35 -20.50
C THR B 165 -12.35 27.52 -20.54
N LEU B 166 -12.39 26.24 -20.15
CA LEU B 166 -11.20 25.39 -20.01
C LEU B 166 -10.44 25.09 -21.30
N PRO B 167 -9.10 24.80 -21.20
CA PRO B 167 -8.32 24.47 -22.40
C PRO B 167 -8.35 22.99 -22.75
N ALA B 168 -8.15 22.65 -24.02
CA ALA B 168 -8.11 21.24 -24.39
C ALA B 168 -6.81 20.61 -23.91
N ILE B 169 -6.76 19.29 -23.84
CA ILE B 169 -5.55 18.57 -23.45
C ILE B 169 -5.29 17.51 -24.51
N THR B 170 -4.16 17.66 -25.21
CA THR B 170 -3.80 16.72 -26.26
C THR B 170 -2.75 15.78 -25.77
N LEU B 171 -2.91 14.50 -26.12
CA LEU B 171 -1.99 13.44 -25.80
C LEU B 171 -1.35 13.02 -27.11
N LYS B 172 -0.02 13.15 -27.19
CA LYS B 172 0.68 12.80 -28.41
C LYS B 172 1.10 11.34 -28.35
N LEU B 173 0.39 10.51 -29.13
CA LEU B 173 0.63 9.08 -29.22
C LEU B 173 0.84 8.67 -30.66
N GLY B 174 1.96 7.97 -30.87
CA GLY B 174 2.40 7.47 -32.17
C GLY B 174 2.59 8.54 -33.23
N GLY B 175 2.81 9.78 -32.82
CA GLY B 175 2.97 10.91 -33.73
C GLY B 175 1.69 11.71 -33.89
N LYS B 176 0.52 11.02 -33.83
CA LYS B 176 -0.82 11.62 -33.94
C LYS B 176 -1.21 12.33 -32.62
N GLY B 177 -2.21 13.20 -32.69
CA GLY B 177 -2.66 13.98 -31.55
C GLY B 177 -4.05 13.62 -31.10
N TYR B 178 -4.17 13.21 -29.84
CA TYR B 178 -5.45 12.79 -29.28
C TYR B 178 -5.98 13.84 -28.31
N LYS B 179 -6.72 14.83 -28.86
CA LYS B 179 -7.36 15.91 -28.09
C LYS B 179 -8.51 15.39 -27.23
N LEU B 180 -8.66 16.01 -26.05
CA LEU B 180 -9.72 15.85 -25.07
C LEU B 180 -10.24 17.25 -24.78
N SER B 181 -11.50 17.52 -25.17
CA SER B 181 -12.15 18.81 -24.92
C SER B 181 -12.49 18.86 -23.43
N PRO B 182 -12.68 20.03 -22.76
CA PRO B 182 -12.98 20.02 -21.31
C PRO B 182 -14.17 19.13 -20.93
N GLU B 183 -15.16 18.98 -21.82
CA GLU B 183 -16.30 18.13 -21.58
C GLU B 183 -15.90 16.65 -21.57
N ASP B 184 -14.80 16.29 -22.28
CA ASP B 184 -14.25 14.93 -22.32
C ASP B 184 -13.51 14.56 -21.05
N TYR B 185 -12.68 15.47 -20.53
CA TYR B 185 -11.86 15.18 -19.36
C TYR B 185 -12.47 15.69 -18.04
N THR B 186 -13.78 16.09 -18.02
CA THR B 186 -14.45 16.47 -16.78
C THR B 186 -15.74 15.69 -16.64
N LEU B 187 -16.02 15.24 -15.39
CA LEU B 187 -17.18 14.43 -14.98
C LEU B 187 -18.16 15.17 -14.09
N LYS B 188 -19.40 15.38 -14.58
CA LYS B 188 -20.53 16.02 -13.90
C LYS B 188 -21.15 15.03 -12.87
N VAL B 189 -20.52 14.98 -11.67
CA VAL B 189 -20.89 14.12 -10.52
C VAL B 189 -22.02 14.76 -9.72
N SER B 190 -23.20 14.14 -9.75
CA SER B 190 -24.36 14.65 -9.01
C SER B 190 -24.62 13.74 -7.83
N GLN B 191 -25.04 14.33 -6.71
CA GLN B 191 -25.31 13.65 -5.43
C GLN B 191 -26.13 14.55 -4.51
N ALA B 192 -27.15 13.96 -3.86
CA ALA B 192 -28.06 14.63 -2.92
C ALA B 192 -28.52 15.98 -3.48
N GLY B 193 -28.89 15.99 -4.76
CA GLY B 193 -29.37 17.18 -5.45
C GLY B 193 -28.39 18.33 -5.59
N LYS B 194 -27.10 17.99 -5.69
CA LYS B 194 -26.02 18.94 -5.86
C LYS B 194 -25.09 18.40 -6.93
N THR B 195 -24.60 19.30 -7.81
CA THR B 195 -23.70 18.97 -8.94
C THR B 195 -22.28 19.53 -8.76
N LEU B 196 -21.29 18.66 -8.90
CA LEU B 196 -19.87 19.00 -8.88
C LEU B 196 -19.19 18.51 -10.17
N CYS B 197 -18.09 19.17 -10.53
CA CYS B 197 -17.36 18.79 -11.73
C CYS B 197 -15.98 18.24 -11.38
N LEU B 198 -15.87 16.94 -11.49
CA LEU B 198 -14.65 16.22 -11.17
C LEU B 198 -13.71 16.21 -12.37
N SER B 199 -12.45 16.59 -12.14
CA SER B 199 -11.40 16.57 -13.17
C SER B 199 -11.06 15.12 -13.49
N GLY B 200 -10.99 14.81 -14.78
CA GLY B 200 -10.67 13.47 -15.28
C GLY B 200 -9.20 13.15 -15.14
N PHE B 201 -8.43 14.05 -14.47
CA PHE B 201 -7.01 13.88 -14.23
C PHE B 201 -6.70 13.65 -12.76
N MET B 202 -6.06 12.51 -12.49
CA MET B 202 -5.69 12.11 -11.15
C MET B 202 -4.18 11.99 -11.00
N GLY B 203 -3.70 12.43 -9.84
CA GLY B 203 -2.29 12.36 -9.48
C GLY B 203 -2.01 11.15 -8.62
N MET B 204 -1.13 10.27 -9.12
CA MET B 204 -0.74 9.08 -8.40
C MET B 204 0.61 8.61 -8.90
N ASP B 205 1.52 8.32 -7.99
CA ASP B 205 2.85 7.86 -8.36
C ASP B 205 2.93 6.35 -8.32
N ILE B 206 3.17 5.74 -9.49
CA ILE B 206 3.33 4.29 -9.66
C ILE B 206 4.81 4.00 -9.39
N PRO B 207 5.12 3.21 -8.35
CA PRO B 207 6.54 2.97 -8.04
C PRO B 207 7.27 2.03 -8.99
N PRO B 208 8.59 2.20 -9.16
CA PRO B 208 9.36 1.27 -9.99
C PRO B 208 9.40 -0.16 -9.42
N PRO B 209 9.76 -1.21 -10.18
CA PRO B 209 10.20 -1.25 -11.58
C PRO B 209 9.12 -0.95 -12.62
N SER B 210 7.82 -1.10 -12.23
CA SER B 210 6.64 -0.85 -13.08
C SER B 210 6.56 0.61 -13.52
N GLY B 211 6.64 1.50 -12.54
CA GLY B 211 6.57 2.94 -12.73
C GLY B 211 7.89 3.66 -12.96
N PRO B 212 7.83 4.98 -13.28
CA PRO B 212 6.62 5.82 -13.42
C PRO B 212 5.79 5.49 -14.66
N LEU B 213 4.47 5.59 -14.55
CA LEU B 213 3.55 5.32 -15.65
C LEU B 213 2.37 6.25 -15.63
N TRP B 214 1.89 6.59 -16.83
CA TRP B 214 0.68 7.36 -17.02
C TRP B 214 -0.40 6.32 -17.32
N ILE B 215 -1.63 6.58 -16.92
CA ILE B 215 -2.71 5.62 -17.18
C ILE B 215 -3.78 6.29 -18.00
N LEU B 216 -4.06 5.74 -19.19
CA LEU B 216 -5.14 6.19 -20.06
C LEU B 216 -6.35 5.30 -19.72
N GLY B 217 -7.22 5.83 -18.87
CA GLY B 217 -8.40 5.11 -18.42
C GLY B 217 -9.61 5.26 -19.31
N ASP B 218 -10.81 4.98 -18.74
CA ASP B 218 -12.11 5.09 -19.41
C ASP B 218 -12.39 6.50 -19.97
N VAL B 219 -11.87 7.61 -19.36
CA VAL B 219 -11.99 8.99 -19.89
C VAL B 219 -11.42 9.04 -21.34
N PHE B 220 -10.23 8.40 -21.54
CA PHE B 220 -9.56 8.33 -22.84
C PHE B 220 -10.33 7.40 -23.76
N ILE B 221 -10.48 6.09 -23.38
CA ILE B 221 -11.15 5.01 -24.14
C ILE B 221 -12.59 5.41 -24.53
N GLY B 222 -13.20 6.27 -23.72
CA GLY B 222 -14.54 6.79 -23.94
C GLY B 222 -14.65 7.60 -25.20
N ARG B 223 -13.67 8.51 -25.40
CA ARG B 223 -13.55 9.38 -26.57
C ARG B 223 -12.82 8.64 -27.73
N TYR B 224 -12.04 7.56 -27.42
CA TYR B 224 -11.29 6.84 -28.46
C TYR B 224 -11.45 5.33 -28.42
N TYR B 225 -12.19 4.76 -29.41
CA TYR B 225 -12.40 3.31 -29.56
C TYR B 225 -11.02 2.63 -29.55
N THR B 226 -10.81 1.75 -28.58
CA THR B 226 -9.51 1.10 -28.41
C THR B 226 -9.53 -0.35 -28.87
N VAL B 227 -8.47 -0.73 -29.54
CA VAL B 227 -8.25 -2.07 -30.07
C VAL B 227 -6.99 -2.65 -29.43
N PHE B 228 -7.09 -3.87 -28.93
CA PHE B 228 -6.00 -4.57 -28.29
C PHE B 228 -5.58 -5.78 -29.13
N ASP B 229 -4.48 -5.63 -29.93
CA ASP B 229 -3.96 -6.68 -30.82
C ASP B 229 -2.94 -7.57 -30.15
N ARG B 230 -3.25 -8.86 -30.01
CA ARG B 230 -2.29 -9.79 -29.41
C ARG B 230 -1.37 -10.47 -30.42
N ASP B 231 -1.79 -10.64 -31.70
CA ASP B 231 -0.98 -11.25 -32.77
C ASP B 231 0.20 -10.35 -33.15
N ASN B 232 -0.05 -9.04 -33.18
CA ASN B 232 0.91 -8.03 -33.58
C ASN B 232 1.46 -7.18 -32.41
N ASN B 233 0.99 -7.45 -31.16
CA ASN B 233 1.39 -6.77 -29.93
C ASN B 233 1.35 -5.24 -30.04
N ARG B 234 0.17 -4.71 -30.38
CA ARG B 234 -0.04 -3.28 -30.56
C ARG B 234 -1.43 -2.88 -30.10
N VAL B 235 -1.63 -1.55 -29.90
CA VAL B 235 -2.89 -0.96 -29.45
C VAL B 235 -3.34 0.05 -30.51
N GLY B 236 -4.55 -0.11 -31.03
CA GLY B 236 -5.11 0.77 -32.05
C GLY B 236 -6.18 1.68 -31.50
N PHE B 237 -6.25 2.93 -31.99
CA PHE B 237 -7.22 3.94 -31.56
C PHE B 237 -7.95 4.57 -32.73
N ALA B 238 -9.24 4.93 -32.51
CA ALA B 238 -10.10 5.63 -33.47
C ALA B 238 -11.00 6.62 -32.72
N GLU B 239 -11.66 7.56 -33.42
CA GLU B 239 -12.59 8.46 -32.75
C GLU B 239 -13.87 7.66 -32.49
N ALA B 240 -14.33 7.60 -31.22
CA ALA B 240 -15.55 6.88 -30.86
C ALA B 240 -16.80 7.55 -31.52
N ALA B 241 -17.78 6.75 -31.94
CA ALA B 241 -19.01 7.20 -32.59
C ALA B 241 -20.17 7.21 -31.60
N PRO C 1 -21.57 15.81 18.31
CA PRO C 1 -21.55 16.96 19.21
C PRO C 1 -20.33 17.86 19.03
N ALA C 2 -20.41 19.12 19.51
CA ALA C 2 -19.23 19.99 19.49
C ALA C 2 -18.32 19.40 20.56
N VAL C 3 -17.19 18.78 20.16
CA VAL C 3 -16.29 18.16 21.12
C VAL C 3 -14.90 18.92 21.16
N THR C 4 -13.93 18.54 22.05
CA THR C 4 -12.56 19.11 22.11
C THR C 4 -11.65 18.23 21.20
N GLU C 5 -10.55 18.79 20.65
CA GLU C 5 -9.59 18.16 19.69
C GLU C 5 -9.33 16.63 19.86
N GLY C 6 -8.85 16.22 21.03
CA GLY C 6 -8.53 14.82 21.29
C GLY C 6 -7.21 14.38 20.69
N PRO C 7 -6.94 13.05 20.72
CA PRO C 7 -5.65 12.55 20.23
C PRO C 7 -5.46 12.61 18.72
N ILE C 8 -4.16 12.68 18.29
CA ILE C 8 -3.75 12.76 16.88
C ILE C 8 -3.41 11.38 16.30
N PRO C 9 -4.17 10.90 15.29
CA PRO C 9 -3.83 9.61 14.67
C PRO C 9 -2.84 9.79 13.53
N GLU C 10 -1.75 9.04 13.58
CA GLU C 10 -0.70 9.04 12.57
C GLU C 10 -0.72 7.68 11.91
N VAL C 11 -1.31 7.64 10.71
CA VAL C 11 -1.45 6.42 9.94
C VAL C 11 -0.05 5.89 9.63
N LEU C 12 0.19 4.58 9.81
CA LEU C 12 1.49 3.98 9.51
C LEU C 12 1.40 3.05 8.32
N LYS C 13 2.45 3.01 7.51
CA LYS C 13 2.57 2.13 6.36
C LYS C 13 3.44 0.93 6.73
N ASN C 14 2.98 -0.28 6.39
CA ASN C 14 3.69 -1.52 6.67
C ASN C 14 4.36 -2.06 5.43
N TYR C 15 5.67 -2.24 5.53
CA TYR C 15 6.45 -2.85 4.47
C TYR C 15 7.00 -4.17 4.93
N MET C 16 6.49 -5.29 4.36
CA MET C 16 6.96 -6.67 4.54
C MET C 16 7.05 -7.12 6.01
N ASP C 17 6.21 -6.56 6.93
CA ASP C 17 6.20 -6.86 8.38
C ASP C 17 7.53 -6.52 9.09
N ALA C 18 8.39 -5.76 8.39
CA ALA C 18 9.72 -5.34 8.80
C ALA C 18 9.84 -3.85 8.98
N GLN C 19 9.15 -3.07 8.14
CA GLN C 19 9.24 -1.63 8.27
C GLN C 19 7.89 -0.94 8.51
N TYR C 20 7.79 -0.16 9.61
CA TYR C 20 6.60 0.60 9.94
C TYR C 20 6.99 2.07 10.00
N TYR C 21 6.54 2.81 9.02
CA TYR C 21 6.89 4.22 8.89
C TYR C 21 5.64 5.06 8.60
N GLY C 22 5.67 6.29 9.07
CA GLY C 22 4.61 7.27 8.86
C GLY C 22 5.16 8.55 8.30
N GLU C 23 4.28 9.40 7.73
CA GLU C 23 4.66 10.67 7.13
C GLU C 23 4.66 11.86 8.14
N ILE C 24 5.67 12.71 8.04
CA ILE C 24 5.82 13.90 8.88
C ILE C 24 6.15 15.13 8.01
N GLY C 25 6.19 16.30 8.64
CA GLY C 25 6.52 17.53 7.94
C GLY C 25 7.61 18.33 8.65
N ILE C 26 8.56 18.88 7.90
CA ILE C 26 9.59 19.74 8.51
C ILE C 26 9.60 21.06 7.76
N GLY C 27 9.39 22.14 8.51
CA GLY C 27 9.41 23.50 7.98
C GLY C 27 8.08 24.17 7.78
N THR C 28 8.16 25.39 7.22
CA THR C 28 7.03 26.27 6.90
C THR C 28 7.24 26.86 5.47
N PRO C 29 6.52 26.35 4.41
CA PRO C 29 5.51 25.27 4.43
C PRO C 29 6.13 23.91 4.66
N PRO C 30 5.39 22.94 5.27
CA PRO C 30 5.98 21.61 5.54
C PRO C 30 6.52 20.87 4.33
N GLN C 31 7.70 20.25 4.55
CA GLN C 31 8.40 19.42 3.58
C GLN C 31 8.15 18.01 4.09
N CYS C 32 7.59 17.12 3.24
CA CYS C 32 7.24 15.78 3.68
C CYS C 32 8.41 14.82 3.67
N PHE C 33 8.44 13.94 4.69
CA PHE C 33 9.40 12.87 4.88
C PHE C 33 8.67 11.71 5.55
N THR C 34 9.13 10.47 5.32
CA THR C 34 8.58 9.30 5.99
C THR C 34 9.60 8.91 7.04
N VAL C 35 9.14 8.67 8.28
CA VAL C 35 10.05 8.34 9.38
C VAL C 35 9.60 7.09 10.09
N VAL C 36 10.52 6.48 10.84
CA VAL C 36 10.20 5.35 11.68
C VAL C 36 10.02 5.97 13.06
N PHE C 37 8.86 5.78 13.68
CA PHE C 37 8.66 6.31 15.03
C PHE C 37 9.29 5.28 15.98
N ASP C 38 10.60 5.44 16.21
CA ASP C 38 11.40 4.50 16.98
C ASP C 38 11.40 4.78 18.47
N THR C 39 10.76 3.90 19.27
CA THR C 39 10.73 4.01 20.74
C THR C 39 12.03 3.51 21.37
N GLY C 40 12.97 3.03 20.54
CA GLY C 40 14.29 2.54 20.97
C GLY C 40 15.41 3.56 20.82
N SER C 41 15.08 4.73 20.21
CA SER C 41 15.97 5.89 20.03
C SER C 41 15.26 7.16 20.48
N SER C 42 16.00 8.31 20.60
CA SER C 42 15.45 9.60 21.06
C SER C 42 15.82 10.77 20.17
N ASN C 43 16.30 10.50 18.95
CA ASN C 43 16.72 11.56 18.03
C ASN C 43 15.89 11.59 16.76
N LEU C 44 15.67 12.83 16.24
CA LEU C 44 14.97 13.08 14.97
C LEU C 44 16.02 13.46 13.93
N TRP C 45 16.00 12.79 12.78
CA TRP C 45 16.90 13.07 11.67
C TRP C 45 16.26 12.73 10.37
N VAL C 46 16.52 13.54 9.34
CA VAL C 46 16.08 13.34 7.94
C VAL C 46 17.26 13.69 7.04
N PRO C 47 17.28 13.22 5.77
CA PRO C 47 18.42 13.56 4.88
C PRO C 47 18.46 15.05 4.54
N SER C 48 19.63 15.67 4.56
CA SER C 48 19.84 17.08 4.19
C SER C 48 20.12 17.19 2.68
N ILE C 49 19.78 18.34 2.07
CA ILE C 49 20.05 18.63 0.67
C ILE C 49 21.56 18.84 0.47
N HIS C 50 22.26 19.18 1.56
CA HIS C 50 23.70 19.43 1.64
C HIS C 50 24.52 18.14 1.89
N CYS C 51 23.95 17.00 1.57
CA CYS C 51 24.57 15.70 1.81
C CYS C 51 25.66 15.41 0.82
N LYS C 52 26.71 14.75 1.30
CA LYS C 52 27.86 14.36 0.52
C LYS C 52 27.44 13.35 -0.56
N LEU C 53 27.95 13.57 -1.80
CA LEU C 53 27.74 12.75 -3.00
C LEU C 53 27.97 11.25 -2.75
N LEU C 54 28.90 10.89 -1.83
CA LEU C 54 29.20 9.49 -1.44
C LEU C 54 28.01 8.82 -0.77
N ASP C 55 27.14 9.60 -0.11
CA ASP C 55 25.93 9.10 0.55
C ASP C 55 24.90 8.79 -0.53
N ILE C 56 24.86 7.53 -0.99
CA ILE C 56 23.95 7.01 -2.02
C ILE C 56 22.51 7.05 -1.49
N ALA C 57 22.27 6.70 -0.20
CA ALA C 57 20.92 6.67 0.35
C ALA C 57 20.18 7.97 0.04
N CYS C 58 20.90 9.09 0.12
CA CYS C 58 20.46 10.45 -0.14
C CYS C 58 19.83 10.61 -1.50
N TRP C 59 20.41 9.95 -2.53
CA TRP C 59 19.99 10.05 -3.93
C TRP C 59 18.51 9.65 -4.16
N ILE C 60 18.03 8.62 -3.43
CA ILE C 60 16.70 8.01 -3.55
C ILE C 60 15.76 8.34 -2.39
N HIS C 61 16.11 9.35 -1.57
CA HIS C 61 15.31 9.78 -0.40
C HIS C 61 15.08 11.30 -0.34
N HIS C 62 13.95 11.71 0.23
CA HIS C 62 13.57 13.11 0.37
C HIS C 62 14.60 13.90 1.16
N LYS C 63 14.91 15.11 0.69
CA LYS C 63 15.95 15.91 1.34
C LYS C 63 15.43 17.24 1.85
N TYR C 64 15.81 17.56 3.10
CA TYR C 64 15.44 18.81 3.74
C TYR C 64 16.24 19.96 3.17
N ASN C 65 15.53 21.03 2.82
CA ASN C 65 16.15 22.23 2.28
C ASN C 65 15.75 23.40 3.16
N SER C 66 16.72 23.85 3.97
CA SER C 66 16.54 24.93 4.95
C SER C 66 16.20 26.26 4.32
N ASP C 67 16.65 26.49 3.06
CA ASP C 67 16.37 27.71 2.32
C ASP C 67 14.89 27.86 1.95
N LYS C 68 14.14 26.74 1.85
CA LYS C 68 12.71 26.76 1.52
C LYS C 68 11.79 26.94 2.75
N SER C 69 12.35 26.89 3.98
CA SER C 69 11.60 27.04 5.24
C SER C 69 11.79 28.41 5.87
N SER C 70 10.72 28.99 6.41
CA SER C 70 10.77 30.31 7.04
C SER C 70 10.96 30.20 8.54
N THR C 71 10.61 29.03 9.10
CA THR C 71 10.74 28.77 10.53
C THR C 71 12.09 28.07 10.86
N TYR C 72 12.98 27.89 9.85
CA TYR C 72 14.29 27.26 10.04
C TYR C 72 15.20 28.13 10.89
N VAL C 73 15.84 27.52 11.89
CA VAL C 73 16.82 28.19 12.73
C VAL C 73 18.11 27.35 12.65
N LYS C 74 19.19 28.01 12.31
CA LYS C 74 20.48 27.34 12.18
C LYS C 74 21.15 27.08 13.52
N ASN C 75 21.70 25.86 13.74
CA ASN C 75 22.50 25.64 14.95
C ASN C 75 23.91 25.29 14.44
N GLY C 76 24.02 24.32 13.50
CA GLY C 76 25.29 23.90 12.89
C GLY C 76 26.08 22.76 13.54
N THR C 77 25.87 22.53 14.86
CA THR C 77 26.52 21.49 15.71
C THR C 77 26.51 20.12 15.02
N SER C 78 27.67 19.45 14.99
CA SER C 78 27.80 18.14 14.35
C SER C 78 27.22 17.02 15.22
N PHE C 79 26.71 15.93 14.61
CA PHE C 79 26.17 14.79 15.34
C PHE C 79 26.57 13.45 14.70
N ASP C 80 26.46 12.36 15.49
CA ASP C 80 26.75 10.96 15.14
C ASP C 80 25.82 10.02 15.93
N ILE C 81 25.00 9.21 15.22
CA ILE C 81 24.09 8.23 15.85
C ILE C 81 24.52 6.80 15.54
N HIS C 82 24.52 5.94 16.58
CA HIS C 82 24.82 4.51 16.43
C HIS C 82 23.65 3.67 16.88
N TYR C 83 23.04 2.96 15.94
CA TYR C 83 21.93 2.04 16.17
C TYR C 83 22.52 0.61 16.08
N GLY C 84 21.80 -0.38 16.62
CA GLY C 84 22.19 -1.79 16.59
C GLY C 84 22.53 -2.31 15.21
N SER C 85 21.89 -1.73 14.17
CA SER C 85 22.03 -2.04 12.75
C SER C 85 23.02 -1.10 12.00
N GLY C 86 22.79 0.20 12.09
CA GLY C 86 23.59 1.19 11.39
C GLY C 86 23.91 2.50 12.10
N SER C 87 24.62 3.37 11.37
CA SER C 87 25.12 4.65 11.83
C SER C 87 24.91 5.73 10.77
N LEU C 88 25.05 7.00 11.22
CA LEU C 88 25.00 8.20 10.40
C LEU C 88 25.57 9.41 11.13
N SER C 89 25.91 10.45 10.34
CA SER C 89 26.49 11.72 10.77
C SER C 89 25.89 12.85 9.94
N GLY C 90 26.01 14.06 10.48
CA GLY C 90 25.53 15.27 9.81
C GLY C 90 25.71 16.49 10.69
N TYR C 91 24.69 17.37 10.73
CA TYR C 91 24.70 18.58 11.53
C TYR C 91 23.28 18.93 12.00
N LEU C 92 23.19 19.59 13.17
CA LEU C 92 21.92 19.96 13.77
C LEU C 92 21.30 21.20 13.17
N SER C 93 19.96 21.22 13.20
CA SER C 93 19.13 22.32 12.75
C SER C 93 17.90 22.33 13.57
N GLN C 94 17.18 23.44 13.55
CA GLN C 94 15.94 23.59 14.30
C GLN C 94 14.85 24.07 13.36
N ASP C 95 13.64 23.50 13.50
CA ASP C 95 12.50 23.88 12.67
C ASP C 95 11.20 23.33 13.25
N THR C 96 10.06 23.63 12.59
CA THR C 96 8.73 23.16 13.01
C THR C 96 8.49 21.75 12.47
N VAL C 97 8.03 20.83 13.35
CA VAL C 97 7.73 19.45 12.97
C VAL C 97 6.24 19.21 13.01
N SER C 98 5.63 18.95 11.84
CA SER C 98 4.19 18.70 11.72
C SER C 98 3.91 17.18 11.65
N VAL C 99 2.85 16.74 12.34
CA VAL C 99 2.42 15.33 12.41
C VAL C 99 0.88 15.27 12.33
N PRO C 100 0.29 14.81 11.20
CA PRO C 100 0.89 14.35 9.92
C PRO C 100 1.50 15.51 9.11
N CYS C 101 1.95 15.27 7.85
CA CYS C 101 2.64 16.30 7.07
C CYS C 101 1.92 17.66 6.99
N GLN C 102 0.61 17.68 6.70
CA GLN C 102 -0.24 18.89 6.63
C GLN C 102 0.21 19.90 5.54
N SER C 103 0.84 19.42 4.45
CA SER C 103 1.28 20.28 3.32
C SER C 103 0.17 20.40 2.30
N GLY D 1 -6.66 17.44 11.18
CA GLY D 1 -6.50 16.73 12.44
C GLY D 1 -5.06 16.34 12.77
N GLY D 2 -4.20 17.35 13.00
CA GLY D 2 -2.78 17.16 13.31
C GLY D 2 -2.14 18.19 14.24
N VAL D 3 -0.94 17.86 14.72
CA VAL D 3 -0.12 18.65 15.64
C VAL D 3 1.08 19.36 14.90
N LYS D 4 1.59 20.49 15.46
CA LYS D 4 2.76 21.24 14.96
C LYS D 4 3.74 21.57 16.13
N VAL D 5 4.84 20.78 16.23
CA VAL D 5 5.86 20.90 17.27
C VAL D 5 6.85 21.98 16.84
N GLU D 6 6.67 23.18 17.43
CA GLU D 6 7.48 24.37 17.21
C GLU D 6 8.87 24.20 17.84
N ARG D 7 9.85 24.99 17.37
CA ARG D 7 11.25 25.07 17.84
C ARG D 7 11.92 23.70 18.14
N GLN D 8 11.74 22.72 17.25
CA GLN D 8 12.33 21.38 17.38
C GLN D 8 13.71 21.24 16.77
N VAL D 9 14.71 20.88 17.62
CA VAL D 9 16.07 20.57 17.16
C VAL D 9 16.10 19.14 16.58
N PHE D 10 16.67 19.00 15.40
CA PHE D 10 16.79 17.75 14.69
C PHE D 10 18.12 17.71 13.95
N GLY D 11 18.45 16.56 13.42
CA GLY D 11 19.66 16.41 12.64
C GLY D 11 19.36 16.30 11.17
N GLU D 12 20.20 16.98 10.37
CA GLU D 12 20.20 16.93 8.92
C GLU D 12 21.37 15.98 8.57
N ALA D 13 21.08 14.69 8.29
CA ALA D 13 22.10 13.70 7.95
C ALA D 13 22.80 13.98 6.60
N THR D 14 24.17 14.07 6.61
CA THR D 14 25.01 14.28 5.41
C THR D 14 25.85 13.04 5.02
N LYS D 15 26.09 12.14 6.01
CA LYS D 15 26.82 10.90 5.85
C LYS D 15 26.01 9.76 6.42
N GLN D 16 25.68 8.77 5.58
CA GLN D 16 24.96 7.55 5.94
C GLN D 16 25.77 6.39 5.36
N PRO D 17 26.88 6.01 6.06
CA PRO D 17 27.72 4.90 5.57
C PRO D 17 27.00 3.55 5.60
N GLY D 18 27.34 2.71 4.64
CA GLY D 18 26.77 1.37 4.54
C GLY D 18 25.75 1.20 3.45
N ILE D 19 24.84 0.25 3.67
CA ILE D 19 23.76 -0.11 2.74
C ILE D 19 22.43 -0.05 3.47
N THR D 20 22.52 0.00 4.80
CA THR D 20 21.39 0.03 5.73
C THR D 20 20.30 0.99 5.28
N PHE D 21 20.70 2.23 4.93
CA PHE D 21 19.75 3.27 4.60
C PHE D 21 19.41 3.33 3.15
N ILE D 22 20.20 2.68 2.28
CA ILE D 22 19.91 2.62 0.85
C ILE D 22 18.63 1.78 0.73
N ALA D 23 18.69 0.54 1.29
CA ALA D 23 17.66 -0.48 1.40
C ALA D 23 16.32 0.05 2.00
N ALA D 24 16.41 0.81 3.13
CA ALA D 24 15.30 1.39 3.88
C ALA D 24 14.31 2.19 3.04
N LYS D 25 13.00 1.95 3.29
CA LYS D 25 11.88 2.60 2.59
C LYS D 25 11.55 3.98 3.18
N PHE D 26 11.97 4.23 4.44
CA PHE D 26 11.72 5.48 5.12
C PHE D 26 12.86 6.46 4.86
N ASP D 27 12.63 7.77 5.03
CA ASP D 27 13.65 8.81 4.85
C ASP D 27 14.50 9.02 6.10
N GLY D 28 13.90 8.90 7.29
CA GLY D 28 14.61 9.08 8.55
C GLY D 28 14.00 8.36 9.75
N ILE D 29 14.37 8.77 10.96
CA ILE D 29 13.89 8.19 12.20
C ILE D 29 13.47 9.31 13.15
N LEU D 30 12.30 9.11 13.81
CA LEU D 30 11.75 9.98 14.83
C LEU D 30 11.80 9.17 16.11
N GLY D 31 12.85 9.39 16.91
CA GLY D 31 13.03 8.69 18.18
C GLY D 31 12.02 9.09 19.23
N MET D 32 11.54 8.13 20.02
CA MET D 32 10.50 8.36 21.04
C MET D 32 10.82 7.79 22.44
N ALA D 33 12.10 7.52 22.71
CA ALA D 33 12.52 7.06 24.02
C ALA D 33 12.81 8.32 24.91
N TYR D 34 13.41 8.13 26.09
CA TYR D 34 13.65 9.21 27.01
C TYR D 34 14.76 10.15 26.61
N PRO D 35 14.81 11.41 27.15
CA PRO D 35 15.89 12.33 26.75
C PRO D 35 17.31 11.92 27.13
N ARG D 36 17.47 10.91 28.03
CA ARG D 36 18.77 10.37 28.46
C ARG D 36 19.55 9.80 27.29
N ILE D 37 18.89 9.01 26.40
CA ILE D 37 19.56 8.36 25.27
C ILE D 37 19.50 9.25 23.96
N SER D 38 19.39 10.58 24.13
CA SER D 38 19.35 11.53 23.02
C SER D 38 20.77 12.00 22.71
N VAL D 39 21.19 11.87 21.45
CA VAL D 39 22.51 12.29 20.99
C VAL D 39 22.61 13.83 21.00
N ASN D 40 23.66 14.33 21.69
CA ASN D 40 23.95 15.76 21.92
C ASN D 40 22.89 16.39 22.84
N ASN D 41 22.25 15.54 23.66
CA ASN D 41 21.21 15.83 24.67
C ASN D 41 20.07 16.76 24.19
N VAL D 42 19.70 16.60 22.91
CA VAL D 42 18.64 17.34 22.23
C VAL D 42 17.27 16.89 22.82
N LEU D 43 16.37 17.84 23.15
CA LEU D 43 15.04 17.51 23.64
C LEU D 43 14.19 16.85 22.51
N PRO D 44 13.77 15.57 22.72
CA PRO D 44 13.05 14.83 21.68
C PRO D 44 11.69 15.40 21.37
N VAL D 45 11.13 15.05 20.17
CA VAL D 45 9.84 15.48 19.64
C VAL D 45 8.70 15.41 20.67
N PHE D 46 8.44 14.23 21.26
CA PHE D 46 7.36 14.06 22.24
C PHE D 46 7.59 14.89 23.50
N ASP D 47 8.83 14.95 23.99
CA ASP D 47 9.18 15.77 25.16
C ASP D 47 8.90 17.26 24.92
N ASN D 48 9.04 17.70 23.66
CA ASN D 48 8.77 19.05 23.22
C ASN D 48 7.25 19.23 23.11
N LEU D 49 6.55 18.24 22.53
CA LEU D 49 5.11 18.18 22.36
C LEU D 49 4.43 18.22 23.74
N MET D 50 5.08 17.61 24.75
CA MET D 50 4.68 17.59 26.16
C MET D 50 4.80 18.99 26.71
N GLN D 51 6.03 19.57 26.66
CA GLN D 51 6.38 20.91 27.13
C GLN D 51 5.48 22.00 26.54
N GLN D 52 5.08 21.83 25.27
CA GLN D 52 4.20 22.76 24.58
C GLN D 52 2.71 22.54 24.85
N LYS D 53 2.39 21.56 25.73
CA LYS D 53 1.04 21.19 26.18
C LYS D 53 0.06 21.00 24.98
N LEU D 54 0.56 20.33 23.92
CA LEU D 54 -0.15 20.10 22.66
C LEU D 54 -1.14 18.95 22.69
N VAL D 55 -1.09 18.14 23.78
CA VAL D 55 -1.97 17.00 24.05
C VAL D 55 -2.48 17.10 25.48
N ASP D 56 -3.62 16.46 25.75
CA ASP D 56 -4.20 16.45 27.10
C ASP D 56 -3.46 15.42 27.93
N GLN D 57 -3.35 14.20 27.40
CA GLN D 57 -2.65 13.09 28.04
C GLN D 57 -1.28 12.89 27.38
N ASN D 58 -0.20 12.83 28.19
CA ASN D 58 1.16 12.63 27.65
C ASN D 58 1.47 11.15 27.49
N ILE D 59 0.74 10.51 26.59
CA ILE D 59 0.87 9.10 26.27
C ILE D 59 0.79 8.94 24.75
N PHE D 60 1.33 7.84 24.23
CA PHE D 60 1.26 7.52 22.80
C PHE D 60 1.11 6.00 22.59
N SER D 61 0.31 5.59 21.61
CA SER D 61 0.07 4.17 21.42
C SER D 61 0.29 3.67 20.00
N PHE D 62 0.77 2.42 19.91
CA PHE D 62 1.07 1.78 18.64
C PHE D 62 0.25 0.53 18.38
N TYR D 63 -0.42 0.53 17.23
CA TYR D 63 -1.10 -0.58 16.63
C TYR D 63 -0.23 -0.85 15.40
N LEU D 64 0.21 -2.11 15.24
CA LEU D 64 0.98 -2.55 14.08
C LEU D 64 0.29 -3.77 13.44
N SER D 65 -0.09 -3.67 12.14
CA SER D 65 -0.73 -4.77 11.43
C SER D 65 0.31 -5.80 11.13
N ARG D 66 -0.05 -7.11 11.20
CA ARG D 66 0.89 -8.22 10.95
C ARG D 66 0.58 -8.93 9.62
N ASP D 67 0.00 -8.17 8.69
CA ASP D 67 -0.31 -8.59 7.36
C ASP D 67 -0.02 -7.38 6.45
N PRO D 68 1.03 -7.44 5.60
CA PRO D 68 1.37 -6.28 4.72
C PRO D 68 0.27 -5.87 3.71
N ASP D 69 -0.80 -6.69 3.58
CA ASP D 69 -1.95 -6.43 2.69
C ASP D 69 -2.87 -5.37 3.31
N ALA D 70 -3.21 -5.54 4.61
CA ALA D 70 -4.09 -4.69 5.40
C ALA D 70 -3.81 -3.19 5.32
N GLN D 71 -4.89 -2.42 5.36
CA GLN D 71 -4.87 -0.96 5.36
C GLN D 71 -5.72 -0.50 6.54
N PRO D 72 -5.17 0.30 7.51
CA PRO D 72 -3.81 0.85 7.55
C PRO D 72 -2.82 -0.22 8.01
N GLY D 73 -1.54 0.03 7.74
CA GLY D 73 -0.45 -0.87 8.11
C GLY D 73 -0.15 -0.83 9.59
N GLY D 74 -0.54 0.27 10.21
CA GLY D 74 -0.37 0.55 11.63
C GLY D 74 -1.03 1.85 11.99
N GLU D 75 -0.82 2.30 13.21
CA GLU D 75 -1.30 3.59 13.70
C GLU D 75 -0.54 4.05 14.94
N LEU D 76 -0.15 5.30 14.94
CA LEU D 76 0.48 5.92 16.09
C LEU D 76 -0.54 6.93 16.57
N MET D 77 -0.95 6.83 17.83
CA MET D 77 -1.97 7.73 18.38
C MET D 77 -1.28 8.65 19.39
N LEU D 78 -1.14 9.94 19.05
CA LEU D 78 -0.50 10.88 19.95
C LEU D 78 -1.53 11.48 20.90
N GLY D 79 -1.34 11.26 22.20
CA GLY D 79 -2.20 11.82 23.23
C GLY D 79 -3.36 10.95 23.66
N GLY D 80 -3.29 9.67 23.33
CA GLY D 80 -4.34 8.72 23.68
C GLY D 80 -4.10 7.30 23.22
N THR D 81 -5.21 6.54 23.15
CA THR D 81 -5.26 5.11 22.79
C THR D 81 -6.45 4.87 21.88
N ASP D 82 -6.22 4.19 20.75
CA ASP D 82 -7.32 3.84 19.85
C ASP D 82 -7.94 2.51 20.25
N SER D 83 -9.14 2.59 20.83
CA SER D 83 -9.89 1.44 21.31
C SER D 83 -10.37 0.53 20.19
N LYS D 84 -10.39 1.00 18.92
CA LYS D 84 -10.82 0.15 17.81
C LYS D 84 -9.75 -0.90 17.40
N TYR D 85 -8.50 -0.77 17.91
CA TYR D 85 -7.37 -1.67 17.61
C TYR D 85 -6.94 -2.58 18.78
N TYR D 86 -7.71 -2.65 19.90
CA TYR D 86 -7.36 -3.55 21.01
C TYR D 86 -8.57 -4.16 21.68
N LYS D 87 -8.37 -5.30 22.34
CA LYS D 87 -9.38 -6.11 23.04
C LYS D 87 -9.10 -6.12 24.53
N GLY D 88 -10.17 -6.04 25.30
CA GLY D 88 -10.09 -6.06 26.75
C GLY D 88 -9.38 -4.85 27.33
N SER D 89 -8.78 -5.04 28.53
CA SER D 89 -8.11 -3.97 29.26
C SER D 89 -6.60 -4.00 29.18
N LEU D 90 -5.99 -2.79 29.27
CA LEU D 90 -4.56 -2.56 29.28
C LEU D 90 -4.02 -3.08 30.61
N SER D 91 -2.84 -3.67 30.58
CA SER D 91 -2.16 -4.18 31.76
C SER D 91 -0.82 -3.46 31.77
N TYR D 92 -0.61 -2.62 32.78
CA TYR D 92 0.59 -1.78 32.85
C TYR D 92 1.77 -2.40 33.59
N LEU D 93 2.97 -2.12 33.07
CA LEU D 93 4.28 -2.52 33.58
C LEU D 93 5.03 -1.21 33.84
N ASN D 94 5.64 -1.06 35.02
CA ASN D 94 6.39 0.14 35.41
C ASN D 94 7.74 0.11 34.71
N VAL D 95 8.16 1.25 34.14
CA VAL D 95 9.46 1.40 33.49
C VAL D 95 10.55 1.34 34.59
N THR D 96 11.52 0.41 34.44
CA THR D 96 12.62 0.18 35.39
C THR D 96 13.75 1.25 35.29
N ARG D 97 14.04 1.75 34.08
CA ARG D 97 15.10 2.77 33.82
C ARG D 97 14.63 3.64 32.69
N LYS D 98 14.54 4.92 32.96
CA LYS D 98 14.04 5.90 32.00
C LYS D 98 15.07 6.35 30.97
N ALA D 99 15.39 5.47 30.01
CA ALA D 99 16.31 5.72 28.91
C ALA D 99 15.60 5.17 27.69
N TYR D 100 15.45 3.84 27.64
CA TYR D 100 14.66 3.17 26.64
C TYR D 100 13.32 2.96 27.38
N TRP D 101 12.34 2.30 26.73
CA TRP D 101 11.09 1.96 27.39
C TRP D 101 11.33 0.56 27.99
N GLN D 102 12.12 0.56 29.08
CA GLN D 102 12.66 -0.59 29.81
C GLN D 102 11.73 -1.13 30.90
N VAL D 103 11.38 -2.39 30.75
CA VAL D 103 10.52 -3.12 31.69
C VAL D 103 11.23 -4.42 32.12
N HIS D 104 10.87 -4.96 33.31
CA HIS D 104 11.42 -6.19 33.86
C HIS D 104 10.66 -7.34 33.24
N LEU D 105 11.39 -8.33 32.73
CA LEU D 105 10.84 -9.54 32.12
C LEU D 105 11.04 -10.70 33.11
N ASP D 106 9.94 -11.28 33.60
CA ASP D 106 9.99 -12.34 34.62
C ASP D 106 10.53 -13.68 34.08
N GLN D 107 10.05 -14.13 32.91
CA GLN D 107 10.44 -15.39 32.30
C GLN D 107 10.03 -15.41 30.85
N VAL D 108 10.60 -16.35 30.12
CA VAL D 108 10.30 -16.65 28.73
C VAL D 108 10.14 -18.16 28.80
N GLU D 109 8.90 -18.61 28.79
CA GLU D 109 8.62 -20.02 28.88
C GLU D 109 8.28 -20.49 27.48
N VAL D 110 8.91 -21.57 27.05
CA VAL D 110 8.62 -22.26 25.81
C VAL D 110 7.70 -23.40 26.22
N ALA D 111 6.47 -23.43 25.68
CA ALA D 111 5.41 -24.41 25.91
C ALA D 111 5.90 -25.88 26.01
N SER D 112 6.92 -26.25 25.19
CA SER D 112 7.60 -27.55 25.11
C SER D 112 8.22 -28.00 26.43
N GLY D 113 8.65 -27.02 27.24
CA GLY D 113 9.27 -27.24 28.55
C GLY D 113 10.32 -26.22 28.97
N LEU D 114 11.27 -25.92 28.05
CA LEU D 114 12.37 -24.98 28.24
C LEU D 114 11.88 -23.64 28.80
N THR D 115 12.66 -23.05 29.73
CA THR D 115 12.40 -21.74 30.31
C THR D 115 13.69 -20.93 30.28
N LEU D 116 13.65 -19.82 29.54
CA LEU D 116 14.74 -18.86 29.41
C LEU D 116 14.37 -17.71 30.30
N CYS D 117 15.36 -16.90 30.73
CA CYS D 117 15.13 -15.74 31.59
C CYS D 117 14.50 -16.18 32.92
N LYS D 118 15.00 -17.29 33.49
CA LYS D 118 14.42 -17.92 34.69
C LYS D 118 14.53 -17.07 35.98
N GLU D 119 15.64 -16.35 36.16
CA GLU D 119 15.81 -15.51 37.34
C GLU D 119 15.29 -14.09 37.11
N GLY D 120 14.86 -13.81 35.89
CA GLY D 120 14.35 -12.50 35.49
C GLY D 120 15.40 -11.74 34.72
N CYS D 121 14.96 -10.96 33.74
CA CYS D 121 15.79 -10.12 32.88
C CYS D 121 15.17 -8.75 32.79
N GLU D 122 15.82 -7.90 31.99
CA GLU D 122 15.40 -6.57 31.66
C GLU D 122 15.19 -6.58 30.18
N ALA D 123 14.02 -6.06 29.74
CA ALA D 123 13.64 -5.95 28.33
C ALA D 123 13.33 -4.48 27.96
N ILE D 124 13.39 -4.13 26.65
CA ILE D 124 13.05 -2.82 26.11
C ILE D 124 11.98 -3.00 25.05
N VAL D 125 10.96 -2.14 25.07
CA VAL D 125 9.85 -2.13 24.12
C VAL D 125 10.31 -1.21 22.97
N ASP D 126 10.74 -1.81 21.86
CA ASP D 126 11.32 -1.12 20.70
C ASP D 126 10.55 -1.29 19.37
N THR D 127 9.98 -0.21 18.86
CA THR D 127 9.22 -0.22 17.63
C THR D 127 10.14 -0.24 16.38
N GLY D 128 11.39 0.21 16.53
CA GLY D 128 12.35 0.21 15.43
C GLY D 128 13.07 -1.13 15.23
N THR D 129 12.63 -2.17 15.95
CA THR D 129 13.18 -3.53 15.85
C THR D 129 12.02 -4.37 15.36
N SER D 130 12.22 -5.13 14.27
CA SER D 130 11.14 -5.94 13.69
C SER D 130 11.00 -7.27 14.40
N LEU D 131 12.14 -7.89 14.79
CA LEU D 131 12.13 -9.17 15.48
C LEU D 131 12.29 -9.05 17.02
N MET D 132 12.30 -10.20 17.70
CA MET D 132 12.51 -10.27 19.14
C MET D 132 13.99 -10.51 19.26
N VAL D 133 14.64 -9.87 20.21
CA VAL D 133 16.07 -10.01 20.38
C VAL D 133 16.32 -10.44 21.82
N GLY D 134 17.30 -11.30 21.98
CA GLY D 134 17.70 -11.79 23.29
C GLY D 134 19.17 -12.15 23.29
N PRO D 135 19.75 -12.47 24.46
CA PRO D 135 21.16 -12.86 24.49
C PRO D 135 21.45 -14.08 23.61
N VAL D 136 22.61 -14.03 22.92
CA VAL D 136 23.10 -15.01 21.95
C VAL D 136 22.94 -16.44 22.43
N ASP D 137 23.43 -16.75 23.65
CA ASP D 137 23.34 -18.09 24.23
C ASP D 137 21.91 -18.51 24.53
N GLU D 138 21.11 -17.64 25.15
CA GLU D 138 19.70 -17.90 25.49
C GLU D 138 18.88 -18.16 24.23
N VAL D 139 19.09 -17.34 23.18
CA VAL D 139 18.36 -17.49 21.91
C VAL D 139 18.81 -18.73 21.16
N ARG D 140 20.07 -19.16 21.38
CA ARG D 140 20.65 -20.36 20.78
C ARG D 140 19.95 -21.59 21.37
N GLU D 141 19.71 -21.57 22.70
CA GLU D 141 18.98 -22.63 23.42
C GLU D 141 17.56 -22.74 22.82
N LEU D 142 16.85 -21.59 22.70
CA LEU D 142 15.51 -21.43 22.14
C LEU D 142 15.39 -22.11 20.77
N GLN D 143 16.33 -21.85 19.85
CA GLN D 143 16.18 -22.42 18.53
C GLN D 143 16.53 -23.90 18.46
N LYS D 144 17.38 -24.41 19.38
CA LYS D 144 17.66 -25.85 19.46
C LYS D 144 16.32 -26.54 19.87
N ALA D 145 15.61 -25.91 20.81
CA ALA D 145 14.31 -26.30 21.34
C ALA D 145 13.15 -26.26 20.30
N ILE D 146 13.24 -25.44 19.23
CA ILE D 146 12.15 -25.36 18.24
C ILE D 146 12.58 -25.95 16.88
N GLY D 147 13.71 -26.66 16.85
CA GLY D 147 14.24 -27.26 15.63
C GLY D 147 14.61 -26.33 14.49
N ALA D 148 15.04 -25.11 14.82
CA ALA D 148 15.51 -24.10 13.85
C ALA D 148 17.01 -24.21 13.68
N VAL D 149 17.52 -23.79 12.51
CA VAL D 149 18.94 -23.85 12.19
C VAL D 149 19.50 -22.46 11.86
N PRO D 150 20.77 -22.16 12.19
CA PRO D 150 21.28 -20.80 11.93
C PRO D 150 21.64 -20.52 10.48
N LEU D 151 21.55 -19.25 10.05
CA LEU D 151 22.07 -18.88 8.74
C LEU D 151 23.24 -17.86 8.88
N ILE D 152 22.94 -16.58 9.17
CA ILE D 152 23.88 -15.46 9.37
C ILE D 152 23.25 -14.38 10.28
N GLN D 153 24.09 -13.43 10.77
CA GLN D 153 23.75 -12.26 11.62
C GLN D 153 22.85 -12.61 12.84
N GLY D 154 23.07 -13.82 13.40
CA GLY D 154 22.31 -14.33 14.54
C GLY D 154 20.86 -14.63 14.23
N GLU D 155 20.60 -14.97 12.96
CA GLU D 155 19.26 -15.31 12.47
C GLU D 155 19.13 -16.80 12.19
N TYR D 156 17.94 -17.30 12.47
CA TYR D 156 17.67 -18.73 12.34
C TYR D 156 16.49 -18.97 11.45
N MET D 157 16.50 -20.11 10.74
CA MET D 157 15.47 -20.53 9.80
C MET D 157 14.84 -21.83 10.23
N ILE D 158 13.51 -21.92 10.05
CA ILE D 158 12.72 -23.10 10.40
C ILE D 158 12.12 -23.70 9.12
N PRO D 159 12.17 -25.04 8.93
CA PRO D 159 11.48 -25.65 7.78
C PRO D 159 10.01 -25.29 7.90
N CYS D 160 9.36 -24.83 6.81
CA CYS D 160 7.97 -24.36 6.88
C CYS D 160 6.96 -25.46 7.27
N GLU D 161 7.22 -26.71 6.86
CA GLU D 161 6.41 -27.89 7.18
C GLU D 161 6.32 -28.15 8.69
N LYS D 162 7.33 -27.68 9.45
CA LYS D 162 7.45 -27.82 10.91
C LYS D 162 6.80 -26.67 11.71
N VAL D 163 6.40 -25.59 11.04
CA VAL D 163 5.83 -24.41 11.74
C VAL D 163 4.52 -24.76 12.50
N SER D 164 3.64 -25.57 11.89
CA SER D 164 2.39 -26.03 12.51
C SER D 164 2.66 -26.66 13.92
N THR D 165 3.58 -27.64 13.98
CA THR D 165 4.11 -28.47 15.08
C THR D 165 4.81 -27.67 16.21
N LEU D 166 5.22 -26.41 15.96
CA LEU D 166 6.00 -25.61 16.92
C LEU D 166 5.30 -25.26 18.25
N PRO D 167 6.09 -25.04 19.34
CA PRO D 167 5.48 -24.70 20.64
C PRO D 167 5.25 -23.20 20.79
N ALA D 168 4.28 -22.80 21.62
CA ALA D 168 4.06 -21.38 21.86
C ALA D 168 5.19 -20.83 22.73
N ILE D 169 5.38 -19.51 22.74
CA ILE D 169 6.40 -18.88 23.57
C ILE D 169 5.70 -17.80 24.37
N THR D 170 5.65 -17.99 25.69
CA THR D 170 5.01 -17.04 26.57
C THR D 170 6.04 -16.19 27.24
N LEU D 171 5.74 -14.90 27.32
CA LEU D 171 6.58 -13.92 27.95
C LEU D 171 5.85 -13.47 29.18
N LYS D 172 6.48 -13.67 30.34
CA LYS D 172 5.87 -13.29 31.61
C LYS D 172 6.25 -11.87 31.96
N LEU D 173 5.29 -10.96 31.77
CA LEU D 173 5.44 -9.54 32.03
C LEU D 173 4.37 -9.06 33.00
N GLY D 174 4.84 -8.41 34.07
CA GLY D 174 4.03 -7.84 35.14
C GLY D 174 3.14 -8.84 35.84
N GLY D 175 3.52 -10.13 35.80
CA GLY D 175 2.74 -11.20 36.40
C GLY D 175 1.85 -11.92 35.41
N LYS D 176 1.36 -11.20 34.37
CA LYS D 176 0.52 -11.73 33.30
C LYS D 176 1.36 -12.48 32.25
N GLY D 177 0.72 -13.30 31.43
CA GLY D 177 1.38 -14.14 30.42
C GLY D 177 1.03 -13.72 29.02
N TYR D 178 2.05 -13.36 28.23
CA TYR D 178 1.87 -12.90 26.85
C TYR D 178 2.33 -13.94 25.82
N LYS D 179 1.37 -14.76 25.39
CA LYS D 179 1.60 -15.86 24.46
C LYS D 179 1.80 -15.39 23.01
N LEU D 180 2.75 -16.03 22.32
CA LEU D 180 3.04 -15.86 20.90
C LEU D 180 2.92 -17.27 20.27
N SER D 181 1.94 -17.47 19.39
CA SER D 181 1.73 -18.74 18.71
C SER D 181 2.82 -18.84 17.64
N PRO D 182 3.21 -20.06 17.13
CA PRO D 182 4.30 -20.11 16.12
C PRO D 182 4.07 -19.20 14.90
N GLU D 183 2.81 -18.96 14.55
CA GLU D 183 2.47 -18.09 13.44
C GLU D 183 2.76 -16.62 13.78
N ASP D 184 2.79 -16.27 15.07
CA ASP D 184 3.12 -14.92 15.56
C ASP D 184 4.63 -14.66 15.54
N TYR D 185 5.44 -15.63 15.98
CA TYR D 185 6.88 -15.46 16.06
C TYR D 185 7.64 -16.03 14.86
N THR D 186 6.96 -16.33 13.75
CA THR D 186 7.65 -16.75 12.51
C THR D 186 7.15 -15.92 11.33
N LEU D 187 8.06 -15.54 10.42
CA LEU D 187 7.73 -14.77 9.21
C LEU D 187 8.09 -15.57 7.96
N LYS D 188 7.14 -15.66 6.95
CA LYS D 188 7.39 -16.32 5.64
C LYS D 188 8.19 -15.35 4.78
N VAL D 189 9.19 -15.85 4.03
CA VAL D 189 10.14 -15.06 3.22
C VAL D 189 10.33 -15.62 1.78
N SER D 190 10.69 -14.73 0.80
CA SER D 190 10.96 -15.01 -0.65
C SER D 190 9.98 -15.98 -1.33
N THR D 195 9.99 -19.46 -0.85
CA THR D 195 9.24 -19.51 0.41
C THR D 195 10.05 -20.15 1.60
N LEU D 196 10.70 -19.30 2.43
CA LEU D 196 11.47 -19.66 3.64
C LEU D 196 10.77 -19.15 4.92
N CYS D 197 10.96 -19.83 6.06
CA CYS D 197 10.33 -19.38 7.29
C CYS D 197 11.37 -18.91 8.30
N LEU D 198 11.44 -17.58 8.47
CA LEU D 198 12.38 -16.92 9.37
C LEU D 198 11.83 -16.85 10.81
N SER D 199 12.64 -17.29 11.77
CA SER D 199 12.30 -17.24 13.18
C SER D 199 12.30 -15.79 13.66
N GLY D 200 11.27 -15.40 14.39
CA GLY D 200 11.11 -14.06 14.93
C GLY D 200 12.01 -13.80 16.11
N PHE D 201 12.87 -14.77 16.43
CA PHE D 201 13.83 -14.68 17.51
C PHE D 201 15.28 -14.54 17.01
N MET D 202 15.91 -13.44 17.42
CA MET D 202 17.26 -13.12 17.04
C MET D 202 18.20 -13.06 18.25
N GLY D 203 19.41 -13.61 18.06
CA GLY D 203 20.47 -13.62 19.06
C GLY D 203 21.40 -12.45 18.88
N MET D 204 21.48 -11.58 19.88
CA MET D 204 22.36 -10.41 19.87
C MET D 204 22.65 -9.97 21.28
N ASP D 205 23.93 -9.78 21.58
CA ASP D 205 24.34 -9.36 22.91
C ASP D 205 24.53 -7.84 22.96
N ILE D 206 23.70 -7.18 23.78
CA ILE D 206 23.76 -5.75 24.05
C ILE D 206 24.77 -5.59 25.20
N PRO D 207 25.89 -4.89 24.99
CA PRO D 207 26.91 -4.81 26.06
C PRO D 207 26.55 -3.87 27.21
N PRO D 208 27.06 -4.16 28.43
CA PRO D 208 26.80 -3.26 29.58
C PRO D 208 27.43 -1.88 29.39
N PRO D 209 27.04 -0.82 30.16
CA PRO D 209 26.05 -0.77 31.26
C PRO D 209 24.59 -0.94 30.82
N SER D 210 24.28 -0.68 29.51
CA SER D 210 22.95 -0.78 28.92
C SER D 210 22.42 -2.20 28.99
N GLY D 211 23.24 -3.14 28.51
CA GLY D 211 22.92 -4.56 28.48
C GLY D 211 23.34 -5.39 29.69
N PRO D 212 22.94 -6.67 29.76
CA PRO D 212 22.14 -7.40 28.75
C PRO D 212 20.69 -6.95 28.71
N LEU D 213 20.10 -6.95 27.52
CA LEU D 213 18.70 -6.56 27.32
C LEU D 213 18.03 -7.43 26.30
N TRP D 214 16.73 -7.69 26.51
CA TRP D 214 15.88 -8.39 25.57
C TRP D 214 15.16 -7.28 24.84
N ILE D 215 14.82 -7.49 23.57
CA ILE D 215 14.11 -6.48 22.82
C ILE D 215 12.81 -7.06 22.33
N LEU D 216 11.69 -6.45 22.73
CA LEU D 216 10.34 -6.81 22.29
C LEU D 216 10.06 -5.87 21.11
N GLY D 217 10.29 -6.40 19.91
CA GLY D 217 10.11 -5.66 18.68
C GLY D 217 8.70 -5.72 18.14
N ASP D 218 8.57 -5.45 16.83
CA ASP D 218 7.31 -5.44 16.09
C ASP D 218 6.57 -6.77 16.17
N VAL D 219 7.32 -7.91 16.28
CA VAL D 219 6.74 -9.23 16.43
C VAL D 219 5.78 -9.22 17.63
N PHE D 220 6.24 -8.68 18.79
CA PHE D 220 5.49 -8.58 20.03
C PHE D 220 4.36 -7.56 19.88
N ILE D 221 4.71 -6.27 19.66
CA ILE D 221 3.80 -5.12 19.51
C ILE D 221 2.67 -5.39 18.50
N GLY D 222 2.96 -6.18 17.47
CA GLY D 222 1.97 -6.57 16.46
C GLY D 222 0.83 -7.40 17.00
N ARG D 223 1.18 -8.28 17.95
CA ARG D 223 0.26 -9.12 18.71
C ARG D 223 -0.31 -8.35 19.92
N TYR D 224 0.47 -7.43 20.55
CA TYR D 224 -0.05 -6.73 21.72
C TYR D 224 0.04 -5.22 21.62
N TYR D 225 -1.16 -4.54 21.38
CA TYR D 225 -1.36 -3.09 21.30
C TYR D 225 -0.58 -2.45 22.44
N THR D 226 0.37 -1.60 22.10
CA THR D 226 1.29 -1.05 23.10
C THR D 226 1.02 0.39 23.39
N VAL D 227 0.98 0.71 24.70
CA VAL D 227 0.77 2.06 25.20
C VAL D 227 2.02 2.53 25.93
N PHE D 228 2.46 3.76 25.60
CA PHE D 228 3.63 4.37 26.19
C PHE D 228 3.21 5.58 27.02
N ASP D 229 3.13 5.42 28.37
CA ASP D 229 2.71 6.46 29.31
C ASP D 229 3.88 7.29 29.85
N ARG D 230 3.91 8.58 29.52
CA ARG D 230 4.97 9.44 30.03
C ARG D 230 4.64 10.10 31.37
N ASP D 231 3.35 10.35 31.69
CA ASP D 231 2.92 10.97 32.96
C ASP D 231 3.17 10.03 34.14
N ASN D 232 2.92 8.74 33.93
CA ASN D 232 3.01 7.69 34.93
C ASN D 232 4.24 6.77 34.76
N ASN D 233 5.07 6.99 33.72
CA ASN D 233 6.29 6.24 33.38
C ASN D 233 6.07 4.74 33.38
N ARG D 234 5.13 4.29 32.56
CA ARG D 234 4.77 2.89 32.43
C ARG D 234 4.41 2.52 30.99
N VAL D 235 4.39 1.21 30.69
CA VAL D 235 4.06 0.66 29.37
C VAL D 235 2.84 -0.28 29.55
N GLY D 236 1.77 -0.03 28.82
CA GLY D 236 0.56 -0.84 28.87
C GLY D 236 0.39 -1.72 27.64
N PHE D 237 -0.14 -2.93 27.82
CA PHE D 237 -0.36 -3.90 26.74
C PHE D 237 -1.79 -4.43 26.73
N ALA D 238 -2.31 -4.66 25.54
CA ALA D 238 -3.62 -5.26 25.36
C ALA D 238 -3.61 -6.12 24.11
N GLU D 239 -4.45 -7.17 24.12
CA GLU D 239 -4.63 -8.12 23.03
C GLU D 239 -4.99 -7.26 21.81
N ALA D 240 -4.12 -7.20 20.79
CA ALA D 240 -4.40 -6.41 19.58
C ALA D 240 -5.63 -6.96 18.87
N ALA D 241 -6.32 -6.12 18.06
CA ALA D 241 -7.52 -6.52 17.34
C ALA D 241 -7.29 -6.53 15.84
#